data_3DP3
#
_entry.id   3DP3
#
_cell.length_a   73.897
_cell.length_b   100.226
_cell.length_c   186.630
_cell.angle_alpha   90.000
_cell.angle_beta   90.000
_cell.angle_gamma   90.000
#
_symmetry.space_group_name_H-M   'P 21 21 21'
#
loop_
_entity.id
_entity.type
_entity.pdbx_description
1 polymer '(3R)-hydroxymyristoyl-acyl carrier protein dehydratase'
2 non-polymer 'CHLORIDE ION'
3 non-polymer BENZAMIDINE
4 non-polymer "4-tert-butyl-N'-[(1E)-(3,5-dibromo-2,4-dihydroxyphenyl)methylidene]benzohydrazide"
5 water water
#
_entity_poly.entity_id   1
_entity_poly.type   'polypeptide(L)'
_entity_poly.pdbx_seq_one_letter_code
;MEQSHQNLQSQFFIEHILQILPHRYPMLLVDRITELQANQKIVAYKNITFNEDVFNGHFPNKPIFPGVLIVEGMAQSGGF
LAFTSLWGFDPEIAKTKIVYFMTIDKVKFRIPVTPGDRLEYHLEVLKHKGMIWQVGGTAQVDGKVVAEAELKAMIAERE
;
_entity_poly.pdbx_strand_id   A,B,C,D,E,F
#
loop_
_chem_comp.id
_chem_comp.type
_chem_comp.name
_chem_comp.formula
4BB non-polymer 4-tert-butyl-N'-[(1E)-(3,5-dibromo-2,4-dihydroxyphenyl)methylidene]benzohydrazide 'C18 H18 Br2 N2 O3'
BEN non-polymer BENZAMIDINE 'C7 H8 N2'
CL non-polymer 'CHLORIDE ION' 'Cl -1'
#
# COMPACT_ATOMS: atom_id res chain seq x y z
N LEU A 8 24.99 -25.84 -0.92
CA LEU A 8 25.93 -26.29 -1.99
C LEU A 8 25.29 -26.20 -3.38
N GLN A 9 24.01 -25.83 -3.40
CA GLN A 9 23.28 -25.71 -4.66
C GLN A 9 23.69 -24.41 -5.39
N SER A 10 23.37 -24.34 -6.68
CA SER A 10 23.68 -23.15 -7.50
C SER A 10 22.41 -22.38 -7.87
N GLN A 11 21.25 -23.03 -7.76
CA GLN A 11 19.99 -22.38 -8.08
C GLN A 11 19.02 -22.35 -6.90
N PHE A 12 18.46 -21.17 -6.64
CA PHE A 12 17.50 -20.98 -5.56
C PHE A 12 16.37 -20.10 -6.04
N PHE A 13 15.16 -20.43 -5.62
CA PHE A 13 13.98 -19.67 -5.99
C PHE A 13 13.48 -18.88 -4.78
N ILE A 14 12.50 -18.00 -5.01
CA ILE A 14 11.98 -17.14 -3.96
C ILE A 14 11.69 -17.84 -2.63
N GLU A 15 11.23 -19.08 -2.66
CA GLU A 15 10.96 -19.79 -1.42
C GLU A 15 12.24 -20.04 -0.60
N HIS A 16 13.38 -20.21 -1.27
CA HIS A 16 14.65 -20.44 -0.57
C HIS A 16 15.23 -19.11 -0.10
N ILE A 17 15.03 -18.07 -0.90
CA ILE A 17 15.50 -16.73 -0.58
C ILE A 17 14.82 -16.24 0.70
N LEU A 18 13.52 -16.49 0.82
CA LEU A 18 12.74 -16.08 1.98
C LEU A 18 13.24 -16.75 3.26
N GLN A 19 13.82 -17.94 3.12
CA GLN A 19 14.31 -18.66 4.28
C GLN A 19 15.70 -18.20 4.73
N ILE A 20 16.42 -17.53 3.84
CA ILE A 20 17.75 -17.05 4.16
C ILE A 20 17.77 -15.56 4.51
N LEU A 21 17.18 -14.72 3.67
CA LEU A 21 17.16 -13.28 3.95
C LEU A 21 16.00 -12.91 4.87
N PRO A 22 16.22 -11.93 5.75
CA PRO A 22 15.18 -11.48 6.68
C PRO A 22 14.26 -10.45 6.03
N HIS A 23 14.71 -9.89 4.90
CA HIS A 23 13.94 -8.88 4.18
C HIS A 23 12.57 -9.39 3.74
N ARG A 24 11.59 -8.51 3.78
CA ARG A 24 10.24 -8.82 3.34
C ARG A 24 9.71 -7.62 2.59
N TYR A 25 8.50 -7.73 2.05
CA TYR A 25 7.88 -6.66 1.30
C TYR A 25 7.76 -5.42 2.18
N PRO A 26 8.07 -4.23 1.62
CA PRO A 26 8.50 -3.98 0.24
C PRO A 26 10.01 -3.75 0.11
N MET A 27 10.81 -4.60 0.75
CA MET A 27 12.27 -4.45 0.69
C MET A 27 13.04 -5.74 0.37
N LEU A 28 12.35 -6.75 -0.14
CA LEU A 28 13.01 -7.98 -0.55
C LEU A 28 13.13 -7.77 -2.06
N LEU A 29 14.33 -7.41 -2.49
CA LEU A 29 14.56 -7.09 -3.88
C LEU A 29 15.34 -8.09 -4.73
N VAL A 30 15.21 -9.37 -4.40
CA VAL A 30 15.86 -10.43 -5.15
C VAL A 30 14.82 -11.54 -5.34
N ASP A 31 14.53 -11.88 -6.58
CA ASP A 31 13.51 -12.90 -6.89
C ASP A 31 14.02 -14.31 -7.14
N ARG A 32 15.25 -14.42 -7.63
CA ARG A 32 15.76 -15.74 -7.94
C ARG A 32 17.28 -15.70 -8.06
N ILE A 33 17.91 -16.84 -7.80
CA ILE A 33 19.37 -16.96 -7.89
C ILE A 33 19.67 -17.99 -8.95
N THR A 34 20.41 -17.60 -9.97
CA THR A 34 20.72 -18.51 -11.07
C THR A 34 22.11 -19.15 -10.99
N GLU A 35 23.05 -18.48 -10.33
CA GLU A 35 24.41 -18.99 -10.15
C GLU A 35 24.87 -18.67 -8.74
N LEU A 36 25.58 -19.61 -8.14
CA LEU A 36 26.10 -19.43 -6.81
C LEU A 36 27.36 -20.27 -6.68
N GLN A 37 28.45 -19.63 -6.26
CA GLN A 37 29.73 -20.28 -6.05
C GLN A 37 30.27 -19.79 -4.71
N ALA A 38 30.19 -20.64 -3.70
CA ALA A 38 30.66 -20.32 -2.35
C ALA A 38 31.98 -19.56 -2.28
N ASN A 39 32.02 -18.49 -1.50
CA ASN A 39 33.22 -17.67 -1.32
C ASN A 39 33.72 -17.01 -2.59
N GLN A 40 33.01 -17.17 -3.69
CA GLN A 40 33.44 -16.58 -4.95
C GLN A 40 32.45 -15.65 -5.63
N LYS A 41 31.26 -16.14 -5.93
CA LYS A 41 30.31 -15.28 -6.60
C LYS A 41 28.87 -15.73 -6.59
N ILE A 42 28.01 -14.84 -7.05
CA ILE A 42 26.59 -15.10 -7.15
C ILE A 42 25.99 -14.30 -8.30
N VAL A 43 25.02 -14.90 -8.96
CA VAL A 43 24.33 -14.23 -10.03
C VAL A 43 22.86 -14.42 -9.70
N ALA A 44 22.15 -13.31 -9.61
CA ALA A 44 20.73 -13.34 -9.28
C ALA A 44 20.03 -12.21 -10.01
N TYR A 45 18.72 -12.12 -9.84
CA TYR A 45 17.99 -11.07 -10.49
C TYR A 45 16.68 -10.74 -9.83
N LYS A 46 16.15 -9.58 -10.17
CA LYS A 46 14.87 -9.12 -9.68
C LYS A 46 14.12 -8.62 -10.91
N ASN A 47 12.90 -9.10 -11.11
CA ASN A 47 12.11 -8.64 -12.23
C ASN A 47 11.60 -7.26 -11.85
N ILE A 48 11.51 -6.38 -12.84
CA ILE A 48 11.00 -5.05 -12.61
C ILE A 48 9.69 -4.98 -13.36
N THR A 49 8.63 -4.56 -12.67
CA THR A 49 7.29 -4.48 -13.25
C THR A 49 6.64 -3.18 -12.80
N PHE A 50 5.71 -2.67 -13.60
CA PHE A 50 5.02 -1.43 -13.25
C PHE A 50 4.22 -1.62 -11.97
N ASN A 51 3.73 -2.83 -11.73
CA ASN A 51 2.92 -3.16 -10.56
C ASN A 51 3.71 -3.13 -9.22
N GLU A 52 4.57 -2.13 -9.06
CA GLU A 52 5.35 -2.01 -7.83
C GLU A 52 5.12 -0.62 -7.24
N ASP A 53 4.79 -0.59 -5.96
CA ASP A 53 4.49 0.66 -5.28
C ASP A 53 5.52 1.78 -5.48
N VAL A 54 6.81 1.45 -5.51
CA VAL A 54 7.81 2.51 -5.71
C VAL A 54 7.56 3.38 -6.92
N PHE A 55 6.99 2.83 -7.98
CA PHE A 55 6.77 3.61 -9.17
C PHE A 55 5.67 4.67 -9.07
N ASN A 56 4.88 4.64 -8.00
CA ASN A 56 3.86 5.66 -7.83
C ASN A 56 4.59 6.99 -7.57
N GLY A 57 5.77 6.89 -6.99
CA GLY A 57 6.52 8.10 -6.69
C GLY A 57 7.85 8.29 -7.38
N HIS A 58 8.23 7.38 -8.26
CA HIS A 58 9.54 7.50 -8.91
C HIS A 58 9.55 7.04 -10.36
N PHE A 59 8.95 7.80 -11.27
CA PHE A 59 8.26 9.05 -10.96
C PHE A 59 6.90 9.01 -11.66
N PRO A 60 5.97 9.87 -11.24
CA PRO A 60 4.67 9.85 -11.90
C PRO A 60 4.85 10.04 -13.40
N ASN A 61 4.24 9.16 -14.19
CA ASN A 61 4.32 9.22 -15.65
C ASN A 61 5.70 8.92 -16.21
N LYS A 62 6.63 8.54 -15.34
CA LYS A 62 7.99 8.22 -15.76
C LYS A 62 8.58 7.21 -14.78
N PRO A 63 8.12 5.95 -14.86
CA PRO A 63 8.61 4.89 -13.97
C PRO A 63 10.08 4.50 -14.14
N ILE A 64 10.88 4.81 -13.12
CA ILE A 64 12.31 4.50 -13.11
C ILE A 64 12.67 3.82 -11.79
N PHE A 65 13.27 2.63 -11.86
CA PHE A 65 13.65 1.93 -10.65
C PHE A 65 14.79 2.68 -9.97
N PRO A 66 14.58 3.15 -8.73
CA PRO A 66 15.59 3.89 -7.96
C PRO A 66 16.99 3.24 -7.95
N GLY A 67 18.00 4.04 -8.29
CA GLY A 67 19.37 3.55 -8.29
C GLY A 67 19.77 2.97 -6.94
N VAL A 68 19.35 3.61 -5.85
CA VAL A 68 19.70 3.10 -4.52
C VAL A 68 19.12 1.70 -4.28
N LEU A 69 17.94 1.42 -4.83
CA LEU A 69 17.34 0.11 -4.65
C LEU A 69 18.09 -0.91 -5.51
N ILE A 70 18.72 -0.45 -6.60
CA ILE A 70 19.52 -1.35 -7.43
C ILE A 70 20.68 -1.79 -6.53
N VAL A 71 21.23 -0.84 -5.79
CA VAL A 71 22.34 -1.14 -4.91
C VAL A 71 21.88 -2.07 -3.80
N GLU A 72 20.71 -1.80 -3.25
CA GLU A 72 20.14 -2.61 -2.18
C GLU A 72 20.02 -4.07 -2.64
N GLY A 73 19.58 -4.25 -3.88
CA GLY A 73 19.43 -5.58 -4.44
C GLY A 73 20.78 -6.25 -4.58
N MET A 74 21.80 -5.47 -4.94
CA MET A 74 23.13 -6.03 -5.08
C MET A 74 23.62 -6.50 -3.72
N ALA A 75 23.37 -5.70 -2.69
CA ALA A 75 23.79 -6.03 -1.34
C ALA A 75 23.13 -7.29 -0.80
N GLN A 76 21.81 -7.41 -1.01
CA GLN A 76 21.07 -8.58 -0.55
C GLN A 76 21.65 -9.82 -1.21
N SER A 77 22.04 -9.70 -2.48
CA SER A 77 22.62 -10.82 -3.21
C SER A 77 23.95 -11.17 -2.53
N GLY A 78 24.81 -10.18 -2.36
CA GLY A 78 26.07 -10.41 -1.70
C GLY A 78 25.83 -11.05 -0.34
N GLY A 79 24.86 -10.53 0.40
CA GLY A 79 24.54 -11.05 1.72
C GLY A 79 24.15 -12.51 1.74
N PHE A 80 23.39 -12.93 0.72
CA PHE A 80 22.96 -14.32 0.59
C PHE A 80 24.21 -15.16 0.37
N LEU A 81 25.07 -14.68 -0.53
CA LEU A 81 26.32 -15.35 -0.85
C LEU A 81 27.20 -15.51 0.39
N ALA A 82 27.33 -14.43 1.15
CA ALA A 82 28.14 -14.43 2.35
C ALA A 82 27.64 -15.50 3.31
N PHE A 83 26.36 -15.43 3.65
CA PHE A 83 25.78 -16.37 4.57
C PHE A 83 25.92 -17.81 4.11
N THR A 84 25.41 -18.10 2.92
CA THR A 84 25.47 -19.46 2.41
C THR A 84 26.91 -19.97 2.24
N SER A 85 27.85 -19.07 2.02
CA SER A 85 29.26 -19.46 1.87
C SER A 85 29.75 -20.03 3.20
N LEU A 86 29.25 -19.48 4.29
CA LEU A 86 29.64 -19.88 5.63
C LEU A 86 28.85 -21.02 6.26
N TRP A 87 27.52 -21.01 6.08
CA TRP A 87 26.69 -22.05 6.68
C TRP A 87 25.91 -22.91 5.69
N GLY A 88 26.00 -22.58 4.41
CA GLY A 88 25.26 -23.34 3.43
C GLY A 88 23.79 -22.98 3.60
N PHE A 89 22.90 -23.75 3.01
CA PHE A 89 21.48 -23.47 3.12
C PHE A 89 20.99 -23.93 4.47
N ASP A 90 21.05 -23.03 5.46
CA ASP A 90 20.64 -23.33 6.82
C ASP A 90 19.66 -22.28 7.33
N PRO A 91 18.36 -22.51 7.13
CA PRO A 91 17.31 -21.58 7.56
C PRO A 91 17.32 -21.28 9.07
N GLU A 92 17.52 -22.34 9.86
CA GLU A 92 17.55 -22.22 11.32
C GLU A 92 18.55 -21.16 11.77
N ILE A 93 19.79 -21.27 11.30
CA ILE A 93 20.81 -20.31 11.66
C ILE A 93 20.58 -18.96 10.98
N ALA A 94 20.03 -18.97 9.77
CA ALA A 94 19.76 -17.72 9.06
C ALA A 94 18.86 -16.80 9.89
N LYS A 95 17.91 -17.38 10.61
CA LYS A 95 17.00 -16.60 11.44
C LYS A 95 17.70 -15.88 12.58
N THR A 96 18.95 -16.26 12.88
CA THR A 96 19.69 -15.64 13.99
C THR A 96 20.75 -14.64 13.53
N LYS A 97 20.94 -14.55 12.23
CA LYS A 97 21.92 -13.64 11.66
C LYS A 97 21.23 -12.62 10.77
N ILE A 98 21.87 -11.48 10.61
CA ILE A 98 21.37 -10.40 9.76
C ILE A 98 22.63 -9.76 9.18
N VAL A 99 22.58 -9.39 7.90
CA VAL A 99 23.74 -8.76 7.26
C VAL A 99 23.52 -7.25 7.22
N TYR A 100 24.54 -6.48 7.59
CA TYR A 100 24.44 -5.03 7.60
C TYR A 100 25.48 -4.36 6.69
N PHE A 101 25.04 -3.34 5.98
CA PHE A 101 25.86 -2.53 5.07
C PHE A 101 26.83 -1.76 5.96
N MET A 102 28.13 -1.85 5.69
CA MET A 102 29.08 -1.06 6.48
C MET A 102 29.49 0.14 5.59
N THR A 103 29.82 -0.16 4.35
CA THR A 103 30.23 0.87 3.41
C THR A 103 29.75 0.55 2.00
N ILE A 104 29.78 1.56 1.15
CA ILE A 104 29.40 1.45 -0.26
C ILE A 104 30.32 2.41 -0.99
N ASP A 105 30.98 1.90 -2.02
CA ASP A 105 31.91 2.72 -2.81
C ASP A 105 31.77 2.49 -4.30
N LYS A 106 32.44 3.36 -5.05
CA LYS A 106 32.48 3.29 -6.50
C LYS A 106 31.16 2.90 -7.18
N VAL A 107 30.10 3.57 -6.78
CA VAL A 107 28.80 3.32 -7.38
C VAL A 107 28.65 4.21 -8.62
N LYS A 108 28.28 3.59 -9.73
CA LYS A 108 28.06 4.35 -10.95
C LYS A 108 26.79 3.83 -11.60
N PHE A 109 25.91 4.75 -11.97
CA PHE A 109 24.65 4.40 -12.63
C PHE A 109 24.81 4.79 -14.10
N ARG A 110 24.76 3.79 -14.99
CA ARG A 110 24.94 4.02 -16.41
C ARG A 110 23.67 4.05 -17.25
N ILE A 111 22.71 3.21 -16.90
CA ILE A 111 21.47 3.13 -17.66
C ILE A 111 20.25 3.02 -16.75
N PRO A 112 19.18 3.75 -17.07
CA PRO A 112 18.01 3.66 -16.20
C PRO A 112 17.31 2.31 -16.35
N VAL A 113 16.81 1.79 -15.23
CA VAL A 113 16.10 0.53 -15.18
C VAL A 113 14.59 0.84 -15.14
N THR A 114 13.84 0.21 -16.04
CA THR A 114 12.40 0.46 -16.10
C THR A 114 11.57 -0.82 -16.14
N PRO A 115 10.24 -0.70 -15.92
CA PRO A 115 9.35 -1.87 -15.94
C PRO A 115 9.58 -2.66 -17.22
N GLY A 116 9.57 -3.99 -17.09
CA GLY A 116 9.81 -4.84 -18.24
C GLY A 116 11.22 -5.40 -18.16
N ASP A 117 12.08 -4.72 -17.40
CA ASP A 117 13.48 -5.12 -17.23
C ASP A 117 13.69 -6.26 -16.23
N ARG A 118 14.72 -7.05 -16.50
CA ARG A 118 15.13 -8.16 -15.65
C ARG A 118 16.44 -7.67 -15.06
N LEU A 119 16.38 -7.13 -13.85
CA LEU A 119 17.57 -6.61 -13.18
C LEU A 119 18.42 -7.73 -12.59
N GLU A 120 19.47 -8.08 -13.31
CA GLU A 120 20.38 -9.16 -12.93
C GLU A 120 21.58 -8.68 -12.10
N TYR A 121 21.76 -9.27 -10.93
CA TYR A 121 22.87 -8.89 -10.05
C TYR A 121 24.04 -9.85 -10.20
N HIS A 122 25.24 -9.28 -10.35
CA HIS A 122 26.46 -10.08 -10.49
C HIS A 122 27.42 -9.61 -9.42
N LEU A 123 27.56 -10.40 -8.36
CA LEU A 123 28.47 -10.04 -7.28
C LEU A 123 29.61 -11.03 -7.16
N GLU A 124 30.80 -10.49 -6.88
CA GLU A 124 32.00 -11.31 -6.71
C GLU A 124 32.61 -10.95 -5.35
N VAL A 125 33.19 -11.95 -4.69
CA VAL A 125 33.82 -11.76 -3.39
C VAL A 125 35.23 -11.18 -3.57
N LEU A 126 35.43 -9.94 -3.14
CA LEU A 126 36.73 -9.30 -3.26
C LEU A 126 37.63 -9.64 -2.06
N LYS A 127 37.02 -9.89 -0.91
CA LYS A 127 37.77 -10.22 0.29
C LYS A 127 36.83 -10.61 1.42
N HIS A 128 37.15 -11.67 2.14
CA HIS A 128 36.29 -12.07 3.25
C HIS A 128 37.10 -12.65 4.41
N LYS A 129 36.79 -12.20 5.61
CA LYS A 129 37.47 -12.68 6.82
C LYS A 129 36.40 -12.82 7.90
N GLY A 130 35.99 -14.06 8.16
CA GLY A 130 34.97 -14.28 9.17
C GLY A 130 33.63 -13.70 8.78
N MET A 131 33.12 -12.78 9.59
CA MET A 131 31.83 -12.17 9.35
C MET A 131 31.89 -10.97 8.42
N ILE A 132 33.11 -10.52 8.11
CA ILE A 132 33.31 -9.35 7.24
C ILE A 132 33.51 -9.72 5.78
N TRP A 133 32.59 -9.27 4.92
CA TRP A 133 32.63 -9.56 3.50
C TRP A 133 32.63 -8.33 2.60
N GLN A 134 33.56 -8.31 1.65
CA GLN A 134 33.65 -7.21 0.70
C GLN A 134 33.32 -7.77 -0.67
N VAL A 135 32.25 -7.27 -1.27
CA VAL A 135 31.86 -7.74 -2.58
C VAL A 135 31.74 -6.57 -3.54
N GLY A 136 31.77 -6.89 -4.81
CA GLY A 136 31.66 -5.85 -5.81
C GLY A 136 31.11 -6.51 -7.05
N GLY A 137 30.58 -5.69 -7.94
CA GLY A 137 30.02 -6.24 -9.16
C GLY A 137 29.19 -5.23 -9.91
N THR A 138 28.25 -5.75 -10.68
CA THR A 138 27.40 -4.92 -11.51
C THR A 138 25.97 -5.41 -11.51
N ALA A 139 25.08 -4.55 -12.00
CA ALA A 139 23.68 -4.87 -12.16
C ALA A 139 23.56 -4.79 -13.68
N GLN A 140 22.96 -5.80 -14.29
CA GLN A 140 22.85 -5.81 -15.74
C GLN A 140 21.44 -6.08 -16.25
N VAL A 141 21.16 -5.57 -17.43
CA VAL A 141 19.86 -5.75 -18.11
C VAL A 141 20.20 -6.15 -19.55
N ASP A 142 19.74 -7.33 -19.95
CA ASP A 142 20.00 -7.82 -21.30
C ASP A 142 21.47 -7.69 -21.69
N GLY A 143 22.35 -8.13 -20.79
CA GLY A 143 23.77 -8.09 -21.05
C GLY A 143 24.50 -6.77 -20.88
N LYS A 144 23.78 -5.66 -20.74
CA LYS A 144 24.41 -4.35 -20.57
C LYS A 144 24.50 -3.93 -19.10
N VAL A 145 25.64 -3.38 -18.72
CA VAL A 145 25.86 -2.92 -17.35
C VAL A 145 25.07 -1.64 -17.08
N VAL A 146 24.12 -1.71 -16.15
CA VAL A 146 23.30 -0.55 -15.82
C VAL A 146 23.81 0.13 -14.56
N ALA A 147 24.57 -0.60 -13.75
CA ALA A 147 25.13 -0.05 -12.52
C ALA A 147 26.32 -0.87 -12.03
N GLU A 148 27.18 -0.24 -11.24
CA GLU A 148 28.37 -0.87 -10.67
C GLU A 148 28.47 -0.43 -9.22
N ALA A 149 29.03 -1.29 -8.37
CA ALA A 149 29.17 -0.96 -6.97
C ALA A 149 30.04 -1.95 -6.21
N GLU A 150 30.59 -1.47 -5.10
CA GLU A 150 31.40 -2.28 -4.20
C GLU A 150 30.83 -1.96 -2.82
N LEU A 151 30.85 -2.94 -1.93
CA LEU A 151 30.36 -2.73 -0.60
C LEU A 151 30.94 -3.76 0.33
N LYS A 152 31.05 -3.38 1.60
CA LYS A 152 31.55 -4.26 2.62
C LYS A 152 30.37 -4.45 3.55
N ALA A 153 30.08 -5.70 3.89
CA ALA A 153 28.96 -6.01 4.76
C ALA A 153 29.44 -6.69 6.01
N MET A 154 28.53 -6.80 6.97
CA MET A 154 28.82 -7.41 8.24
C MET A 154 27.72 -8.42 8.56
N ILE A 155 28.12 -9.61 9.00
CA ILE A 155 27.17 -10.63 9.39
C ILE A 155 27.12 -10.54 10.90
N ALA A 156 26.05 -9.96 11.42
CA ALA A 156 25.91 -9.78 12.85
C ALA A 156 24.77 -10.61 13.42
N GLU A 157 24.65 -10.56 14.74
CA GLU A 157 23.59 -11.28 15.43
C GLU A 157 22.29 -10.49 15.26
N ARG A 158 21.18 -11.19 15.12
CA ARG A 158 19.91 -10.50 15.00
C ARG A 158 19.60 -9.92 16.39
N GLU A 159 20.23 -10.50 17.42
CA GLU A 159 20.05 -10.03 18.81
C GLU A 159 21.28 -10.25 19.67
N SER B 10 15.69 30.34 3.87
CA SER B 10 16.36 29.05 4.22
C SER B 10 15.38 27.96 4.61
N GLN B 11 14.21 28.34 5.12
CA GLN B 11 13.22 27.34 5.51
C GLN B 11 12.20 27.06 4.42
N PHE B 12 12.17 25.82 3.96
CA PHE B 12 11.24 25.38 2.93
C PHE B 12 10.45 24.23 3.56
N PHE B 13 9.14 24.23 3.37
CA PHE B 13 8.33 23.17 3.94
C PHE B 13 7.92 22.17 2.86
N ILE B 14 7.20 21.13 3.26
CA ILE B 14 6.81 20.09 2.32
C ILE B 14 6.15 20.63 1.05
N GLU B 15 5.29 21.65 1.19
CA GLU B 15 4.61 22.26 0.06
C GLU B 15 5.64 22.81 -0.96
N HIS B 16 6.64 23.52 -0.47
CA HIS B 16 7.69 24.08 -1.33
C HIS B 16 8.50 22.96 -1.96
N ILE B 17 8.80 21.95 -1.16
CA ILE B 17 9.58 20.83 -1.64
C ILE B 17 8.87 20.11 -2.78
N LEU B 18 7.57 19.89 -2.61
CA LEU B 18 6.76 19.21 -3.62
C LEU B 18 6.74 19.94 -4.97
N GLN B 19 7.02 21.23 -4.96
CA GLN B 19 7.04 22.01 -6.19
C GLN B 19 8.39 21.94 -6.93
N ILE B 20 9.46 21.60 -6.20
CA ILE B 20 10.78 21.53 -6.81
C ILE B 20 11.17 20.09 -7.20
N LEU B 21 10.99 19.16 -6.27
CA LEU B 21 11.32 17.76 -6.54
C LEU B 21 10.16 17.02 -7.22
N PRO B 22 10.48 16.15 -8.19
CA PRO B 22 9.47 15.37 -8.91
C PRO B 22 9.03 14.13 -8.13
N HIS B 23 9.82 13.77 -7.12
CA HIS B 23 9.53 12.60 -6.28
C HIS B 23 8.19 12.73 -5.57
N ARG B 24 7.49 11.61 -5.47
CA ARG B 24 6.22 11.57 -4.76
C ARG B 24 6.22 10.29 -3.91
N TYR B 25 5.15 10.07 -3.15
CA TYR B 25 5.06 8.90 -2.30
C TYR B 25 5.18 7.61 -3.12
N PRO B 26 5.92 6.62 -2.61
CA PRO B 26 6.63 6.66 -1.32
C PRO B 26 8.13 6.81 -1.52
N MET B 27 8.52 7.77 -2.36
CA MET B 27 9.94 8.00 -2.63
C MET B 27 10.43 9.45 -2.44
N LEU B 28 9.61 10.29 -1.82
CA LEU B 28 10.02 11.68 -1.53
C LEU B 28 10.47 11.58 -0.08
N LEU B 29 11.79 11.57 0.12
CA LEU B 29 12.35 11.39 1.45
C LEU B 29 12.95 12.60 2.15
N VAL B 30 12.40 13.78 1.88
CA VAL B 30 12.84 15.01 2.53
C VAL B 30 11.57 15.73 2.97
N ASP B 31 11.41 15.96 4.27
CA ASP B 31 10.21 16.62 4.77
C ASP B 31 10.31 18.12 4.92
N ARG B 32 11.48 18.62 5.31
CA ARG B 32 11.64 20.04 5.52
C ARG B 32 13.09 20.48 5.36
N ILE B 33 13.27 21.71 4.90
CA ILE B 33 14.59 22.28 4.69
C ILE B 33 14.80 23.43 5.68
N THR B 34 15.80 23.28 6.55
CA THR B 34 16.10 24.27 7.57
C THR B 34 17.17 25.31 7.18
N GLU B 35 18.11 24.93 6.32
CA GLU B 35 19.16 25.86 5.89
C GLU B 35 19.50 25.67 4.42
N LEU B 36 19.76 26.78 3.74
CA LEU B 36 20.13 26.76 2.32
C LEU B 36 21.06 27.94 2.02
N GLN B 37 22.28 27.63 1.57
CA GLN B 37 23.26 28.64 1.19
C GLN B 37 23.63 28.32 -0.24
N ALA B 38 23.17 29.14 -1.18
CA ALA B 38 23.44 28.93 -2.60
C ALA B 38 24.91 28.61 -2.91
N ASN B 39 25.11 27.57 -3.72
CA ASN B 39 26.44 27.10 -4.12
C ASN B 39 27.28 26.59 -2.95
N GLN B 40 26.72 26.52 -1.75
CA GLN B 40 27.49 26.07 -0.60
C GLN B 40 26.94 24.92 0.24
N LYS B 41 25.78 25.10 0.87
CA LYS B 41 25.27 24.00 1.67
C LYS B 41 23.79 24.00 1.98
N ILE B 42 23.33 22.87 2.48
CA ILE B 42 21.94 22.69 2.82
C ILE B 42 21.84 21.80 4.05
N VAL B 43 20.84 22.06 4.87
CA VAL B 43 20.55 21.24 6.03
C VAL B 43 19.05 21.01 5.90
N ALA B 44 18.66 19.75 5.87
CA ALA B 44 17.26 19.38 5.76
C ALA B 44 17.06 18.11 6.55
N TYR B 45 15.82 17.69 6.69
CA TYR B 45 15.55 16.47 7.42
C TYR B 45 14.28 15.76 7.00
N LYS B 46 14.18 14.51 7.47
CA LYS B 46 13.04 13.67 7.21
C LYS B 46 12.75 13.00 8.55
N ASN B 47 11.49 13.03 8.97
CA ASN B 47 11.13 12.39 10.22
C ASN B 47 10.94 10.90 9.95
N ILE B 48 11.41 10.07 10.87
CA ILE B 48 11.27 8.64 10.72
C ILE B 48 10.22 8.21 11.72
N THR B 49 9.20 7.51 11.23
CA THR B 49 8.10 7.06 12.05
C THR B 49 7.78 5.61 11.71
N PHE B 50 7.21 4.87 12.65
CA PHE B 50 6.85 3.49 12.39
C PHE B 50 5.79 3.38 11.29
N ASN B 51 4.96 4.42 11.16
CA ASN B 51 3.88 4.45 10.18
C ASN B 51 4.32 4.59 8.72
N GLU B 52 5.43 3.97 8.37
CA GLU B 52 5.91 4.02 7.00
C GLU B 52 5.92 2.59 6.45
N ASP B 53 5.43 2.45 5.22
CA ASP B 53 5.32 1.15 4.59
C ASP B 53 6.63 0.34 4.60
N VAL B 54 7.74 1.02 4.37
CA VAL B 54 9.06 0.38 4.34
C VAL B 54 9.34 -0.55 5.54
N PHE B 55 8.87 -0.17 6.72
CA PHE B 55 9.12 -0.96 7.91
C PHE B 55 8.44 -2.33 7.95
N ASN B 56 7.44 -2.53 7.10
CA ASN B 56 6.79 -3.82 7.05
C ASN B 56 7.83 -4.88 6.67
N GLY B 57 8.81 -4.50 5.86
CA GLY B 57 9.81 -5.48 5.45
C GLY B 57 11.26 -5.19 5.83
N HIS B 58 11.51 -4.13 6.58
CA HIS B 58 12.89 -3.82 6.93
C HIS B 58 13.08 -3.33 8.37
N PHE B 59 12.94 -4.24 9.33
CA PHE B 59 12.63 -5.65 9.10
C PHE B 59 11.49 -6.03 10.05
N PRO B 60 10.80 -7.16 9.76
CA PRO B 60 9.71 -7.58 10.63
C PRO B 60 10.23 -7.71 12.07
N ASN B 61 9.56 -7.09 13.03
CA ASN B 61 9.98 -7.15 14.43
C ASN B 61 11.28 -6.37 14.74
N LYS B 62 11.76 -5.58 13.78
CA LYS B 62 12.96 -4.78 14.02
C LYS B 62 13.04 -3.66 12.98
N PRO B 63 12.26 -2.59 13.18
CA PRO B 63 12.23 -1.46 12.26
C PRO B 63 13.56 -0.71 12.15
N ILE B 64 14.13 -0.73 10.95
CA ILE B 64 15.39 -0.04 10.68
C ILE B 64 15.27 0.65 9.33
N PHE B 65 15.43 1.98 9.33
CA PHE B 65 15.34 2.73 8.09
C PHE B 65 16.50 2.28 7.19
N PRO B 66 16.19 1.82 5.96
CA PRO B 66 17.22 1.36 5.03
C PRO B 66 18.36 2.35 4.78
N GLY B 67 19.59 1.85 4.88
CA GLY B 67 20.75 2.69 4.65
C GLY B 67 20.73 3.32 3.28
N VAL B 68 20.26 2.58 2.27
CA VAL B 68 20.20 3.12 0.91
C VAL B 68 19.19 4.25 0.79
N LEU B 69 18.18 4.25 1.65
CA LEU B 69 17.18 5.29 1.62
C LEU B 69 17.70 6.53 2.32
N ILE B 70 18.68 6.35 3.20
CA ILE B 70 19.29 7.48 3.88
C ILE B 70 20.08 8.23 2.80
N VAL B 71 20.74 7.46 1.94
CA VAL B 71 21.53 8.00 0.83
C VAL B 71 20.60 8.69 -0.16
N GLU B 72 19.44 8.08 -0.42
CA GLU B 72 18.47 8.65 -1.33
C GLU B 72 18.05 10.02 -0.81
N GLY B 73 17.84 10.09 0.50
CA GLY B 73 17.44 11.34 1.13
C GLY B 73 18.52 12.40 1.01
N MET B 74 19.78 11.97 1.10
CA MET B 74 20.89 12.89 0.99
C MET B 74 20.97 13.39 -0.45
N ALA B 75 20.78 12.48 -1.40
CA ALA B 75 20.81 12.84 -2.82
C ALA B 75 19.72 13.86 -3.15
N GLN B 76 18.51 13.62 -2.66
CA GLN B 76 17.41 14.54 -2.90
C GLN B 76 17.72 15.91 -2.30
N SER B 77 18.31 15.92 -1.10
CA SER B 77 18.67 17.19 -0.48
C SER B 77 19.72 17.89 -1.35
N GLY B 78 20.69 17.11 -1.83
CA GLY B 78 21.74 17.64 -2.66
C GLY B 78 21.20 18.18 -3.97
N GLY B 79 20.27 17.44 -4.57
CA GLY B 79 19.67 17.88 -5.83
C GLY B 79 18.89 19.17 -5.62
N PHE B 80 18.24 19.28 -4.47
CA PHE B 80 17.47 20.47 -4.16
C PHE B 80 18.42 21.66 -4.06
N LEU B 81 19.57 21.41 -3.45
CA LEU B 81 20.59 22.42 -3.28
C LEU B 81 21.09 22.92 -4.64
N ALA B 82 21.47 21.97 -5.50
CA ALA B 82 21.99 22.30 -6.82
C ALA B 82 20.97 23.07 -7.68
N PHE B 83 19.76 22.54 -7.75
CA PHE B 83 18.71 23.19 -8.54
C PHE B 83 18.46 24.61 -8.05
N THR B 84 18.26 24.74 -6.73
CA THR B 84 17.99 26.05 -6.15
C THR B 84 19.15 27.03 -6.26
N SER B 85 20.38 26.54 -6.15
CA SER B 85 21.54 27.41 -6.26
C SER B 85 21.59 28.11 -7.60
N LEU B 86 21.13 27.42 -8.64
CA LEU B 86 21.14 27.95 -9.99
C LEU B 86 19.89 28.72 -10.39
N TRP B 87 18.74 28.20 -9.97
CA TRP B 87 17.46 28.79 -10.33
C TRP B 87 16.56 29.28 -9.20
N GLY B 88 17.01 29.11 -7.95
CA GLY B 88 16.19 29.52 -6.83
C GLY B 88 14.88 28.74 -6.74
N PHE B 89 13.89 29.30 -6.04
CA PHE B 89 12.61 28.63 -5.91
C PHE B 89 11.76 28.93 -7.13
N ASP B 90 11.93 28.14 -8.18
CA ASP B 90 11.18 28.34 -9.42
C ASP B 90 10.46 27.07 -9.84
N PRO B 91 9.19 26.93 -9.45
CA PRO B 91 8.39 25.75 -9.81
C PRO B 91 8.35 25.53 -11.33
N GLU B 92 8.13 26.61 -12.07
CA GLU B 92 8.07 26.52 -13.53
C GLU B 92 9.28 25.81 -14.11
N ILE B 93 10.46 26.36 -13.85
CA ILE B 93 11.68 25.76 -14.37
C ILE B 93 11.95 24.38 -13.81
N ALA B 94 11.50 24.12 -12.59
CA ALA B 94 11.70 22.82 -11.96
C ALA B 94 11.11 21.70 -12.82
N LYS B 95 9.98 21.96 -13.46
CA LYS B 95 9.34 20.96 -14.29
C LYS B 95 10.11 20.70 -15.59
N THR B 96 11.01 21.60 -15.96
CA THR B 96 11.77 21.41 -17.19
C THR B 96 13.14 20.78 -16.96
N LYS B 97 13.45 20.39 -15.74
CA LYS B 97 14.75 19.79 -15.44
C LYS B 97 14.68 18.46 -14.69
N ILE B 98 15.70 17.63 -14.88
CA ILE B 98 15.80 16.37 -14.16
C ILE B 98 17.18 16.38 -13.52
N VAL B 99 17.24 16.03 -12.26
CA VAL B 99 18.52 15.96 -11.57
C VAL B 99 18.71 14.49 -11.27
N TYR B 100 19.52 13.83 -12.10
CA TYR B 100 19.77 12.42 -11.87
C TYR B 100 21.20 12.22 -11.35
N PHE B 101 21.38 11.19 -10.52
CA PHE B 101 22.68 10.94 -9.94
C PHE B 101 23.55 9.95 -10.70
N MET B 102 24.77 10.37 -10.99
CA MET B 102 25.71 9.56 -11.74
C MET B 102 26.52 8.62 -10.86
N THR B 103 27.08 9.15 -9.79
CA THR B 103 27.88 8.34 -8.89
C THR B 103 27.55 8.61 -7.44
N ILE B 104 28.02 7.69 -6.59
CA ILE B 104 27.87 7.74 -5.15
C ILE B 104 29.14 7.06 -4.64
N ASP B 105 29.78 7.63 -3.64
CA ASP B 105 31.02 7.03 -3.15
C ASP B 105 31.30 7.43 -1.70
N LYS B 106 32.24 6.74 -1.06
CA LYS B 106 32.61 7.02 0.32
C LYS B 106 31.44 6.94 1.28
N VAL B 107 30.55 5.98 1.05
CA VAL B 107 29.39 5.81 1.92
C VAL B 107 29.76 4.96 3.11
N LYS B 108 29.42 5.44 4.30
CA LYS B 108 29.67 4.72 5.54
C LYS B 108 28.46 4.84 6.44
N PHE B 109 28.02 3.71 7.00
CA PHE B 109 26.88 3.71 7.91
C PHE B 109 27.44 3.42 9.30
N ARG B 110 27.20 4.33 10.24
CA ARG B 110 27.74 4.18 11.58
C ARG B 110 26.69 3.80 12.62
N ILE B 111 25.51 4.39 12.50
CA ILE B 111 24.44 4.13 13.46
C ILE B 111 23.10 3.84 12.78
N PRO B 112 22.36 2.87 13.30
CA PRO B 112 21.06 2.56 12.70
C PRO B 112 20.00 3.62 13.02
N VAL B 113 19.20 3.96 12.01
CA VAL B 113 18.15 4.96 12.15
C VAL B 113 16.83 4.22 12.40
N THR B 114 16.10 4.61 13.43
CA THR B 114 14.84 3.92 13.75
C THR B 114 13.68 4.89 13.95
N PRO B 115 12.45 4.35 14.03
CA PRO B 115 11.28 5.20 14.21
C PRO B 115 11.46 6.12 15.43
N GLY B 116 11.14 7.39 15.26
CA GLY B 116 11.29 8.36 16.34
C GLY B 116 12.46 9.28 16.09
N ASP B 117 13.31 8.91 15.14
CA ASP B 117 14.48 9.71 14.81
C ASP B 117 14.18 10.79 13.78
N ARG B 118 14.82 11.94 13.99
CA ARG B 118 14.71 13.06 13.07
C ARG B 118 16.00 12.92 12.24
N LEU B 119 15.87 12.38 11.03
CA LEU B 119 17.01 12.17 10.15
C LEU B 119 17.40 13.44 9.40
N GLU B 120 18.43 14.11 9.90
CA GLU B 120 18.93 15.37 9.36
C GLU B 120 20.01 15.18 8.31
N TYR B 121 19.84 15.84 7.16
CA TYR B 121 20.81 15.75 6.08
C TYR B 121 21.70 16.99 6.03
N HIS B 122 23.00 16.76 5.94
CA HIS B 122 23.98 17.85 5.87
C HIS B 122 24.86 17.64 4.64
N LEU B 123 24.62 18.46 3.63
CA LEU B 123 25.38 18.38 2.40
C LEU B 123 25.96 19.73 2.02
N GLU B 124 27.15 19.71 1.43
CA GLU B 124 27.80 20.92 0.97
C GLU B 124 28.28 20.65 -0.44
N VAL B 125 28.45 21.70 -1.22
CA VAL B 125 28.93 21.56 -2.59
C VAL B 125 30.44 21.37 -2.53
N LEU B 126 30.91 20.18 -2.89
CA LEU B 126 32.34 19.92 -2.86
C LEU B 126 32.95 20.55 -4.09
N LYS B 127 32.21 20.44 -5.20
CA LYS B 127 32.71 20.92 -6.47
C LYS B 127 31.58 20.95 -7.49
N HIS B 128 31.64 21.90 -8.41
CA HIS B 128 30.62 22.00 -9.45
C HIS B 128 31.20 22.69 -10.69
N LYS B 129 30.75 22.24 -11.85
CA LYS B 129 31.19 22.76 -13.13
C LYS B 129 30.03 22.56 -14.09
N GLY B 130 29.49 23.66 -14.62
CA GLY B 130 28.37 23.52 -15.51
C GLY B 130 27.21 22.85 -14.79
N MET B 131 26.65 21.81 -15.40
CA MET B 131 25.51 21.11 -14.81
C MET B 131 25.92 19.91 -13.95
N ILE B 132 27.21 19.76 -13.71
CA ILE B 132 27.70 18.64 -12.91
C ILE B 132 28.06 19.16 -11.53
N TRP B 133 27.35 18.65 -10.53
CA TRP B 133 27.55 19.07 -9.15
C TRP B 133 27.94 17.92 -8.22
N GLN B 134 28.96 18.15 -7.41
CA GLN B 134 29.41 17.13 -6.46
C GLN B 134 29.13 17.58 -5.04
N VAL B 135 28.26 16.85 -4.37
CA VAL B 135 27.92 17.19 -3.00
C VAL B 135 28.39 16.08 -2.08
N GLY B 136 28.53 16.42 -0.80
CA GLY B 136 28.98 15.44 0.16
C GLY B 136 28.61 15.93 1.54
N GLY B 137 28.63 15.02 2.50
CA GLY B 137 28.28 15.41 3.84
C GLY B 137 27.85 14.24 4.69
N THR B 138 26.97 14.49 5.64
CA THR B 138 26.52 13.45 6.53
C THR B 138 25.02 13.44 6.77
N ALA B 139 24.58 12.42 7.48
CA ALA B 139 23.19 12.25 7.89
C ALA B 139 23.35 12.18 9.40
N GLN B 140 22.56 12.95 10.13
CA GLN B 140 22.69 13.00 11.58
C GLN B 140 21.38 12.86 12.34
N VAL B 141 21.49 12.27 13.53
CA VAL B 141 20.36 12.11 14.43
C VAL B 141 20.87 12.59 15.79
N ASP B 142 20.13 13.52 16.40
CA ASP B 142 20.51 14.07 17.70
C ASP B 142 21.99 14.48 17.76
N GLY B 143 22.46 15.19 16.74
CA GLY B 143 23.84 15.64 16.73
C GLY B 143 24.92 14.62 16.39
N LYS B 144 24.55 13.35 16.26
CA LYS B 144 25.51 12.29 15.93
C LYS B 144 25.51 11.98 14.44
N VAL B 145 26.67 11.63 13.91
CA VAL B 145 26.78 11.26 12.50
C VAL B 145 26.34 9.80 12.37
N VAL B 146 25.27 9.55 11.61
CA VAL B 146 24.80 8.18 11.44
C VAL B 146 25.22 7.57 10.12
N ALA B 147 25.56 8.43 9.16
CA ALA B 147 26.00 7.99 7.84
C ALA B 147 26.71 9.12 7.12
N GLU B 148 27.52 8.77 6.14
CA GLU B 148 28.21 9.78 5.36
C GLU B 148 28.30 9.28 3.93
N ALA B 149 28.36 10.22 2.99
CA ALA B 149 28.42 9.87 1.59
C ALA B 149 28.74 11.06 0.69
N GLU B 150 29.20 10.74 -0.51
CA GLU B 150 29.52 11.74 -1.50
C GLU B 150 28.75 11.33 -2.74
N LEU B 151 28.19 12.30 -3.44
CA LEU B 151 27.42 12.03 -4.64
C LEU B 151 27.71 13.04 -5.74
N LYS B 152 27.58 12.60 -6.99
CA LYS B 152 27.79 13.46 -8.15
C LYS B 152 26.55 13.39 -9.00
N ALA B 153 25.95 14.53 -9.26
CA ALA B 153 24.73 14.59 -10.04
C ALA B 153 24.85 15.47 -11.26
N MET B 154 24.05 15.16 -12.27
CA MET B 154 24.02 15.96 -13.49
C MET B 154 22.62 16.55 -13.66
N ILE B 155 22.58 17.84 -13.99
CA ILE B 155 21.31 18.52 -14.20
C ILE B 155 21.05 18.58 -15.70
N ALA B 156 19.87 18.15 -16.12
CA ALA B 156 19.53 18.16 -17.53
C ALA B 156 18.09 18.54 -17.80
N GLU B 157 17.77 18.73 -19.08
CA GLU B 157 16.41 19.08 -19.50
C GLU B 157 15.48 17.87 -19.37
N ARG B 158 14.36 18.04 -18.67
CA ARG B 158 13.42 16.93 -18.50
C ARG B 158 12.84 16.54 -19.87
N GLN C 9 -22.40 -23.15 11.89
CA GLN C 9 -22.76 -24.20 10.88
C GLN C 9 -23.44 -23.59 9.66
N SER C 10 -24.01 -22.41 9.85
CA SER C 10 -24.67 -21.69 8.77
C SER C 10 -24.02 -20.34 8.53
N GLN C 11 -23.87 -19.55 9.61
CA GLN C 11 -23.29 -18.21 9.49
C GLN C 11 -21.84 -18.16 9.95
N PHE C 12 -20.96 -17.70 9.05
CA PHE C 12 -19.55 -17.57 9.40
C PHE C 12 -19.13 -16.13 9.15
N PHE C 13 -18.46 -15.55 10.13
CA PHE C 13 -17.98 -14.18 10.00
C PHE C 13 -16.52 -14.14 9.58
N ILE C 14 -15.99 -12.93 9.45
CA ILE C 14 -14.62 -12.76 9.00
C ILE C 14 -13.60 -13.57 9.80
N GLU C 15 -13.80 -13.71 11.11
CA GLU C 15 -12.88 -14.47 11.96
C GLU C 15 -12.84 -15.92 11.52
N HIS C 16 -14.00 -16.47 11.20
CA HIS C 16 -14.08 -17.85 10.78
C HIS C 16 -13.50 -18.04 9.39
N ILE C 17 -13.82 -17.12 8.49
CA ILE C 17 -13.31 -17.19 7.12
C ILE C 17 -11.79 -17.20 7.13
N LEU C 18 -11.21 -16.35 7.98
CA LEU C 18 -9.76 -16.25 8.10
C LEU C 18 -9.13 -17.58 8.55
N GLN C 19 -9.87 -18.37 9.32
CA GLN C 19 -9.33 -19.63 9.79
C GLN C 19 -9.42 -20.77 8.78
N ILE C 20 -10.25 -20.62 7.76
CA ILE C 20 -10.39 -21.66 6.76
C ILE C 20 -9.65 -21.35 5.44
N LEU C 21 -9.77 -20.12 4.97
CA LEU C 21 -9.10 -19.73 3.74
C LEU C 21 -7.69 -19.22 4.03
N PRO C 22 -6.71 -19.55 3.17
CA PRO C 22 -5.33 -19.10 3.35
C PRO C 22 -5.14 -17.67 2.86
N HIS C 23 -6.08 -17.20 2.05
CA HIS C 23 -6.05 -15.85 1.50
C HIS C 23 -5.98 -14.77 2.57
N ARG C 24 -5.23 -13.72 2.26
CA ARG C 24 -5.06 -12.59 3.16
C ARG C 24 -5.09 -11.31 2.33
N TYR C 25 -4.98 -10.17 3.00
CA TYR C 25 -4.99 -8.88 2.30
C TYR C 25 -3.78 -8.83 1.37
N PRO C 26 -3.96 -8.34 0.12
CA PRO C 26 -5.21 -7.84 -0.47
C PRO C 26 -5.95 -8.82 -1.39
N MET C 27 -6.01 -10.09 -1.02
CA MET C 27 -6.68 -11.07 -1.85
C MET C 27 -7.75 -11.94 -1.18
N LEU C 28 -8.16 -11.56 0.03
CA LEU C 28 -9.22 -12.28 0.71
C LEU C 28 -10.47 -11.45 0.33
N LEU C 29 -11.26 -11.99 -0.58
CA LEU C 29 -12.41 -11.27 -1.09
C LEU C 29 -13.79 -11.79 -0.68
N VAL C 30 -13.90 -12.28 0.55
CA VAL C 30 -15.16 -12.78 1.07
C VAL C 30 -15.23 -12.30 2.52
N ASP C 31 -16.20 -11.45 2.80
CA ASP C 31 -16.35 -10.89 4.14
C ASP C 31 -17.23 -11.63 5.13
N ARG C 32 -18.22 -12.36 4.63
CA ARG C 32 -19.14 -13.05 5.52
C ARG C 32 -19.94 -14.12 4.77
N ILE C 33 -20.21 -15.24 5.44
CA ILE C 33 -20.97 -16.35 4.85
C ILE C 33 -22.35 -16.29 5.51
N THR C 34 -23.40 -16.11 4.71
CA THR C 34 -24.74 -16.01 5.28
C THR C 34 -25.57 -17.28 5.16
N GLU C 35 -25.11 -18.22 4.34
CA GLU C 35 -25.84 -19.45 4.12
C GLU C 35 -24.92 -20.56 3.59
N LEU C 36 -25.01 -21.74 4.19
CA LEU C 36 -24.19 -22.86 3.76
C LEU C 36 -24.83 -24.23 3.99
N GLN C 37 -25.02 -24.96 2.90
CA GLN C 37 -25.59 -26.29 2.93
C GLN C 37 -24.51 -27.23 2.42
N ALA C 38 -23.93 -28.03 3.31
CA ALA C 38 -22.88 -28.94 2.93
C ALA C 38 -23.20 -29.72 1.64
N ASN C 39 -22.23 -29.74 0.72
CA ASN C 39 -22.36 -30.45 -0.56
C ASN C 39 -23.40 -29.90 -1.52
N GLN C 40 -24.03 -28.79 -1.16
CA GLN C 40 -25.07 -28.22 -2.02
C GLN C 40 -24.83 -26.81 -2.54
N LYS C 41 -24.85 -25.82 -1.65
CA LYS C 41 -24.69 -24.43 -2.06
C LYS C 41 -24.19 -23.50 -0.96
N ILE C 42 -23.71 -22.34 -1.38
CA ILE C 42 -23.22 -21.36 -0.43
C ILE C 42 -23.60 -19.95 -0.87
N VAL C 43 -24.00 -19.14 0.10
CA VAL C 43 -24.33 -17.74 -0.18
C VAL C 43 -23.44 -16.95 0.74
N ALA C 44 -22.68 -16.04 0.18
CA ALA C 44 -21.78 -15.23 0.98
C ALA C 44 -21.64 -13.89 0.29
N TYR C 45 -20.86 -12.99 0.87
CA TYR C 45 -20.70 -11.69 0.22
C TYR C 45 -19.48 -10.90 0.64
N LYS C 46 -19.15 -9.92 -0.18
CA LYS C 46 -18.04 -9.04 0.07
C LYS C 46 -18.57 -7.63 -0.15
N ASN C 47 -18.31 -6.75 0.80
CA ASN C 47 -18.73 -5.36 0.66
C ASN C 47 -17.73 -4.67 -0.25
N ILE C 48 -18.22 -3.78 -1.09
CA ILE C 48 -17.36 -3.03 -2.00
C ILE C 48 -17.33 -1.59 -1.48
N THR C 49 -16.13 -1.11 -1.17
CA THR C 49 -15.96 0.24 -0.67
C THR C 49 -14.93 0.95 -1.50
N PHE C 50 -15.00 2.28 -1.58
CA PHE C 50 -14.02 3.02 -2.35
C PHE C 50 -12.65 2.92 -1.66
N ASN C 51 -12.63 2.70 -0.35
CA ASN C 51 -11.38 2.60 0.40
C ASN C 51 -10.63 1.29 0.18
N GLU C 52 -10.55 0.85 -1.07
CA GLU C 52 -9.83 -0.38 -1.43
C GLU C 52 -8.76 0.03 -2.43
N ASP C 53 -7.55 -0.49 -2.27
CA ASP C 53 -6.44 -0.14 -3.15
C ASP C 53 -6.70 -0.34 -4.65
N VAL C 54 -7.33 -1.46 -5.03
CA VAL C 54 -7.61 -1.70 -6.45
C VAL C 54 -8.25 -0.55 -7.17
N PHE C 55 -9.04 0.27 -6.46
CA PHE C 55 -9.70 1.39 -7.12
C PHE C 55 -8.75 2.51 -7.52
N ASN C 56 -7.53 2.49 -6.98
CA ASN C 56 -6.56 3.50 -7.36
C ASN C 56 -6.23 3.34 -8.84
N GLY C 57 -6.34 2.11 -9.34
CA GLY C 57 -6.01 1.90 -10.75
C GLY C 57 -7.09 1.27 -11.60
N HIS C 58 -8.32 1.16 -11.10
CA HIS C 58 -9.39 0.54 -11.89
C HIS C 58 -10.77 1.17 -11.60
N PHE C 59 -11.01 2.39 -12.09
CA PHE C 59 -10.04 3.18 -12.86
C PHE C 59 -10.02 4.58 -12.27
N PRO C 60 -8.95 5.35 -12.52
CA PRO C 60 -8.93 6.70 -11.96
C PRO C 60 -10.23 7.43 -12.33
N ASN C 61 -10.85 8.07 -11.33
CA ASN C 61 -12.11 8.80 -11.51
C ASN C 61 -13.28 7.94 -11.94
N LYS C 62 -13.10 6.62 -11.96
CA LYS C 62 -14.19 5.74 -12.36
C LYS C 62 -14.01 4.38 -11.68
N PRO C 63 -14.30 4.31 -10.37
CA PRO C 63 -14.16 3.07 -9.61
C PRO C 63 -15.11 1.96 -10.04
N ILE C 64 -14.51 0.86 -10.48
CA ILE C 64 -15.26 -0.29 -10.93
C ILE C 64 -14.55 -1.55 -10.45
N PHE C 65 -15.24 -2.34 -9.63
CA PHE C 65 -14.65 -3.56 -9.11
C PHE C 65 -14.30 -4.47 -10.28
N PRO C 66 -13.02 -4.87 -10.38
CA PRO C 66 -12.59 -5.73 -11.48
C PRO C 66 -13.41 -7.01 -11.62
N GLY C 67 -13.85 -7.28 -12.85
CA GLY C 67 -14.62 -8.47 -13.15
C GLY C 67 -13.88 -9.73 -12.74
N VAL C 68 -12.57 -9.78 -12.96
CA VAL C 68 -11.80 -10.97 -12.59
C VAL C 68 -11.83 -11.19 -11.08
N LEU C 69 -11.92 -10.10 -10.31
CA LEU C 69 -11.95 -10.26 -8.85
C LEU C 69 -13.31 -10.78 -8.40
N ILE C 70 -14.36 -10.52 -9.18
CA ILE C 70 -15.68 -11.05 -8.83
C ILE C 70 -15.58 -12.57 -8.95
N VAL C 71 -14.94 -13.03 -10.03
CA VAL C 71 -14.74 -14.47 -10.26
C VAL C 71 -13.87 -15.08 -9.17
N GLU C 72 -12.91 -14.30 -8.67
CA GLU C 72 -12.02 -14.77 -7.62
C GLU C 72 -12.83 -14.91 -6.34
N GLY C 73 -13.71 -13.95 -6.10
CA GLY C 73 -14.55 -13.99 -4.91
C GLY C 73 -15.46 -15.20 -4.98
N MET C 74 -15.90 -15.52 -6.18
CA MET C 74 -16.76 -16.67 -6.38
C MET C 74 -15.95 -17.95 -6.15
N ALA C 75 -14.71 -17.94 -6.63
CA ALA C 75 -13.83 -19.09 -6.46
C ALA C 75 -13.61 -19.35 -4.99
N GLN C 76 -13.33 -18.28 -4.25
CA GLN C 76 -13.10 -18.39 -2.81
C GLN C 76 -14.34 -18.95 -2.11
N SER C 77 -15.51 -18.50 -2.51
CA SER C 77 -16.74 -19.01 -1.91
C SER C 77 -16.87 -20.50 -2.20
N GLY C 78 -16.60 -20.90 -3.44
CA GLY C 78 -16.67 -22.30 -3.78
C GLY C 78 -15.71 -23.11 -2.91
N GLY C 79 -14.49 -22.60 -2.76
CA GLY C 79 -13.49 -23.28 -1.95
C GLY C 79 -13.90 -23.47 -0.49
N PHE C 80 -14.51 -22.46 0.11
CA PHE C 80 -14.95 -22.58 1.48
C PHE C 80 -16.07 -23.63 1.54
N LEU C 81 -16.87 -23.71 0.50
CA LEU C 81 -17.96 -24.67 0.44
C LEU C 81 -17.38 -26.08 0.40
N ALA C 82 -16.52 -26.31 -0.58
CA ALA C 82 -15.89 -27.62 -0.74
C ALA C 82 -15.23 -28.04 0.57
N PHE C 83 -14.34 -27.18 1.09
CA PHE C 83 -13.65 -27.52 2.33
C PHE C 83 -14.57 -27.87 3.48
N THR C 84 -15.52 -26.98 3.77
CA THR C 84 -16.43 -27.22 4.87
C THR C 84 -17.32 -28.44 4.64
N SER C 85 -17.56 -28.79 3.37
CA SER C 85 -18.38 -29.96 3.07
C SER C 85 -17.65 -31.23 3.49
N LEU C 86 -16.34 -31.22 3.29
CA LEU C 86 -15.47 -32.35 3.62
C LEU C 86 -15.07 -32.51 5.07
N TRP C 87 -14.77 -31.40 5.74
CA TRP C 87 -14.31 -31.44 7.13
C TRP C 87 -15.00 -30.49 8.10
N GLY C 88 -15.96 -29.72 7.62
CA GLY C 88 -16.65 -28.78 8.50
C GLY C 88 -15.71 -27.67 8.90
N PHE C 89 -16.08 -26.89 9.92
CA PHE C 89 -15.22 -25.79 10.38
C PHE C 89 -14.07 -26.38 11.18
N ASP C 90 -12.96 -26.63 10.50
CA ASP C 90 -11.78 -27.24 11.12
C ASP C 90 -10.53 -26.46 10.71
N PRO C 91 -10.19 -25.40 11.47
CA PRO C 91 -9.01 -24.57 11.20
C PRO C 91 -7.72 -25.36 11.09
N GLU C 92 -7.56 -26.36 11.96
CA GLU C 92 -6.36 -27.19 12.00
C GLU C 92 -6.16 -27.99 10.71
N ILE C 93 -7.22 -28.60 10.20
CA ILE C 93 -7.12 -29.35 8.96
C ILE C 93 -6.99 -28.38 7.79
N ALA C 94 -7.59 -27.19 7.94
CA ALA C 94 -7.55 -26.17 6.90
C ALA C 94 -6.11 -25.82 6.55
N LYS C 95 -5.26 -25.76 7.56
CA LYS C 95 -3.84 -25.43 7.38
C LYS C 95 -3.05 -26.43 6.55
N THR C 96 -3.63 -27.61 6.31
CA THR C 96 -2.92 -28.65 5.57
C THR C 96 -3.50 -28.94 4.19
N LYS C 97 -4.46 -28.12 3.76
CA LYS C 97 -5.12 -28.30 2.48
C LYS C 97 -5.02 -27.10 1.54
N ILE C 98 -5.25 -27.36 0.27
CA ILE C 98 -5.23 -26.30 -0.73
C ILE C 98 -6.22 -26.71 -1.80
N VAL C 99 -6.83 -25.73 -2.45
CA VAL C 99 -7.74 -26.04 -3.53
C VAL C 99 -7.19 -25.29 -4.75
N TYR C 100 -6.69 -26.04 -5.73
CA TYR C 100 -6.16 -25.46 -6.95
C TYR C 100 -7.36 -25.24 -7.86
N PHE C 101 -7.49 -24.07 -8.45
CA PHE C 101 -8.58 -23.86 -9.38
C PHE C 101 -8.03 -24.18 -10.75
N MET C 102 -8.60 -25.21 -11.36
CA MET C 102 -8.15 -25.70 -12.66
C MET C 102 -8.74 -24.99 -13.86
N THR C 103 -10.04 -24.72 -13.82
CA THR C 103 -10.69 -24.05 -14.94
C THR C 103 -11.75 -23.07 -14.51
N ILE C 104 -12.07 -22.16 -15.42
CA ILE C 104 -13.11 -21.16 -15.23
C ILE C 104 -13.85 -21.16 -16.57
N ASP C 105 -15.18 -21.17 -16.53
CA ASP C 105 -15.93 -21.21 -17.77
C ASP C 105 -17.22 -20.44 -17.77
N LYS C 106 -17.69 -20.14 -18.97
CA LYS C 106 -18.96 -19.45 -19.15
C LYS C 106 -19.19 -18.28 -18.21
N VAL C 107 -18.22 -17.39 -18.09
CA VAL C 107 -18.44 -16.25 -17.23
C VAL C 107 -18.97 -15.13 -18.12
N LYS C 108 -19.91 -14.38 -17.58
CA LYS C 108 -20.52 -13.27 -18.30
C LYS C 108 -20.72 -12.16 -17.29
N PHE C 109 -20.44 -10.93 -17.68
CA PHE C 109 -20.62 -9.78 -16.81
C PHE C 109 -21.76 -8.95 -17.37
N ARG C 110 -22.82 -8.78 -16.57
CA ARG C 110 -24.00 -8.04 -17.00
C ARG C 110 -24.08 -6.61 -16.51
N ILE C 111 -23.73 -6.40 -15.25
CA ILE C 111 -23.77 -5.07 -14.62
C ILE C 111 -22.47 -4.77 -13.87
N PRO C 112 -21.91 -3.57 -14.07
CA PRO C 112 -20.67 -3.23 -13.37
C PRO C 112 -20.90 -3.18 -11.86
N VAL C 113 -19.85 -3.48 -11.10
CA VAL C 113 -19.89 -3.47 -9.63
C VAL C 113 -19.13 -2.22 -9.17
N THR C 114 -19.68 -1.48 -8.22
CA THR C 114 -19.02 -0.26 -7.77
C THR C 114 -19.06 -0.05 -6.26
N PRO C 115 -18.27 0.91 -5.76
CA PRO C 115 -18.24 1.19 -4.31
C PRO C 115 -19.67 1.43 -3.79
N GLY C 116 -20.00 0.80 -2.67
CA GLY C 116 -21.33 0.96 -2.11
C GLY C 116 -22.19 -0.26 -2.38
N ASP C 117 -21.72 -1.13 -3.26
CA ASP C 117 -22.47 -2.34 -3.57
C ASP C 117 -22.12 -3.46 -2.60
N ARG C 118 -23.09 -4.32 -2.37
CA ARG C 118 -22.92 -5.49 -1.51
C ARG C 118 -22.91 -6.66 -2.50
N LEU C 119 -21.71 -7.10 -2.87
CA LEU C 119 -21.55 -8.18 -3.84
C LEU C 119 -21.78 -9.52 -3.17
N GLU C 120 -22.88 -10.17 -3.56
CA GLU C 120 -23.29 -11.45 -3.00
C GLU C 120 -22.99 -12.63 -3.92
N TYR C 121 -22.21 -13.59 -3.41
CA TYR C 121 -21.87 -14.76 -4.22
C TYR C 121 -22.83 -15.91 -3.97
N HIS C 122 -23.33 -16.49 -5.06
CA HIS C 122 -24.27 -17.61 -4.98
C HIS C 122 -23.66 -18.78 -5.75
N LEU C 123 -23.04 -19.70 -5.02
CA LEU C 123 -22.41 -20.86 -5.65
C LEU C 123 -23.14 -22.14 -5.27
N GLU C 124 -23.13 -23.08 -6.21
CA GLU C 124 -23.79 -24.37 -6.04
C GLU C 124 -22.85 -25.45 -6.61
N VAL C 125 -22.84 -26.62 -5.97
CA VAL C 125 -22.01 -27.73 -6.43
C VAL C 125 -22.63 -28.32 -7.68
N LEU C 126 -21.89 -28.32 -8.79
CA LEU C 126 -22.38 -28.87 -10.04
C LEU C 126 -21.98 -30.33 -10.15
N LYS C 127 -20.81 -30.65 -9.62
CA LYS C 127 -20.32 -32.01 -9.65
C LYS C 127 -19.16 -32.17 -8.68
N HIS C 128 -19.07 -33.36 -8.09
CA HIS C 128 -17.99 -33.66 -7.16
C HIS C 128 -17.58 -35.11 -7.37
N LYS C 129 -16.41 -35.29 -7.97
CA LYS C 129 -15.87 -36.60 -8.27
C LYS C 129 -14.45 -36.72 -7.71
N GLY C 130 -14.34 -37.29 -6.50
CA GLY C 130 -13.04 -37.46 -5.91
C GLY C 130 -12.51 -36.16 -5.33
N MET C 131 -11.31 -35.78 -5.74
CA MET C 131 -10.69 -34.55 -5.27
C MET C 131 -11.13 -33.36 -6.12
N ILE C 132 -11.94 -33.63 -7.13
CA ILE C 132 -12.42 -32.60 -8.05
C ILE C 132 -13.81 -32.02 -7.71
N TRP C 133 -13.88 -30.71 -7.61
CA TRP C 133 -15.14 -30.03 -7.33
C TRP C 133 -15.47 -29.04 -8.43
N GLN C 134 -16.69 -29.17 -8.97
CA GLN C 134 -17.13 -28.27 -10.03
C GLN C 134 -18.28 -27.45 -9.48
N VAL C 135 -18.05 -26.15 -9.34
CA VAL C 135 -19.06 -25.25 -8.81
C VAL C 135 -19.47 -24.19 -9.81
N GLY C 136 -20.66 -23.64 -9.61
CA GLY C 136 -21.16 -22.62 -10.51
C GLY C 136 -22.22 -21.81 -9.83
N GLY C 137 -22.50 -20.64 -10.39
CA GLY C 137 -23.51 -19.79 -9.81
C GLY C 137 -23.40 -18.37 -10.30
N THR C 138 -23.81 -17.44 -9.45
CA THR C 138 -23.80 -16.05 -9.82
C THR C 138 -23.32 -15.12 -8.72
N ALA C 139 -23.07 -13.88 -9.10
CA ALA C 139 -22.68 -12.83 -8.18
C ALA C 139 -23.86 -11.89 -8.36
N GLN C 140 -24.42 -11.42 -7.24
CA GLN C 140 -25.58 -10.54 -7.33
C GLN C 140 -25.44 -9.29 -6.47
N VAL C 141 -26.11 -8.22 -6.89
CA VAL C 141 -26.11 -6.97 -6.15
C VAL C 141 -27.56 -6.55 -6.10
N ASP C 142 -28.10 -6.38 -4.89
CA ASP C 142 -29.50 -5.99 -4.73
C ASP C 142 -30.46 -6.90 -5.52
N GLY C 143 -30.28 -8.22 -5.41
CA GLY C 143 -31.15 -9.14 -6.11
C GLY C 143 -30.95 -9.30 -7.61
N LYS C 144 -30.13 -8.46 -8.24
CA LYS C 144 -29.91 -8.58 -9.68
C LYS C 144 -28.59 -9.31 -9.96
N VAL C 145 -28.58 -10.15 -10.99
CA VAL C 145 -27.41 -10.90 -11.40
C VAL C 145 -26.39 -9.99 -12.10
N VAL C 146 -25.20 -9.83 -11.52
CA VAL C 146 -24.18 -8.98 -12.14
C VAL C 146 -23.09 -9.81 -12.84
N ALA C 147 -23.00 -11.09 -12.49
CA ALA C 147 -22.02 -11.97 -13.12
C ALA C 147 -22.41 -13.44 -12.98
N GLU C 148 -21.91 -14.27 -13.90
CA GLU C 148 -22.17 -15.71 -13.90
C GLU C 148 -20.83 -16.39 -14.08
N ALA C 149 -20.68 -17.61 -13.59
CA ALA C 149 -19.42 -18.33 -13.76
C ALA C 149 -19.45 -19.77 -13.28
N GLU C 150 -18.64 -20.60 -13.94
CA GLU C 150 -18.49 -22.00 -13.57
C GLU C 150 -17.01 -22.17 -13.29
N LEU C 151 -16.68 -22.99 -12.31
CA LEU C 151 -15.29 -23.22 -11.92
C LEU C 151 -15.07 -24.64 -11.42
N LYS C 152 -13.90 -25.18 -11.73
CA LYS C 152 -13.56 -26.53 -11.30
C LYS C 152 -12.29 -26.41 -10.50
N ALA C 153 -12.24 -27.10 -9.37
CA ALA C 153 -11.08 -27.05 -8.50
C ALA C 153 -10.69 -28.45 -8.04
N MET C 154 -9.48 -28.57 -7.53
CA MET C 154 -8.98 -29.84 -7.03
C MET C 154 -8.57 -29.68 -5.57
N ILE C 155 -8.89 -30.67 -4.74
CA ILE C 155 -8.51 -30.62 -3.35
C ILE C 155 -7.18 -31.37 -3.26
N ALA C 156 -6.22 -30.76 -2.58
CA ALA C 156 -4.89 -31.37 -2.45
C ALA C 156 -4.28 -31.08 -1.09
N GLU C 157 -3.21 -31.80 -0.78
CA GLU C 157 -2.51 -31.64 0.48
C GLU C 157 -1.49 -30.52 0.37
N ARG C 158 -1.52 -29.60 1.32
CA ARG C 158 -0.59 -28.47 1.35
C ARG C 158 0.80 -29.10 1.48
N GLU C 159 1.85 -28.29 1.44
CA GLU C 159 3.20 -28.82 1.58
C GLU C 159 4.23 -27.72 1.78
N LEU D 8 2.12 1.97 -37.85
CA LEU D 8 2.28 1.81 -36.37
C LEU D 8 3.41 0.83 -36.02
N GLN D 9 4.07 1.08 -34.90
CA GLN D 9 5.18 0.22 -34.44
C GLN D 9 4.68 -1.17 -34.06
N SER D 10 5.63 -2.01 -33.65
CA SER D 10 5.34 -3.38 -33.23
C SER D 10 5.82 -3.58 -31.79
N GLN D 11 6.48 -2.55 -31.24
CA GLN D 11 6.95 -2.63 -29.86
C GLN D 11 6.70 -1.34 -29.08
N PHE D 12 6.12 -1.50 -27.90
CA PHE D 12 5.78 -0.37 -27.04
C PHE D 12 6.22 -0.65 -25.60
N PHE D 13 6.73 0.38 -24.94
CA PHE D 13 7.17 0.22 -23.59
C PHE D 13 6.15 0.79 -22.63
N ILE D 14 6.39 0.58 -21.33
CA ILE D 14 5.48 1.04 -20.30
C ILE D 14 4.99 2.47 -20.53
N GLU D 15 5.88 3.34 -21.01
CA GLU D 15 5.52 4.74 -21.26
C GLU D 15 4.41 4.82 -22.32
N HIS D 16 4.47 3.94 -23.30
CA HIS D 16 3.45 3.93 -24.34
C HIS D 16 2.17 3.29 -23.82
N ILE D 17 2.31 2.20 -23.07
CA ILE D 17 1.15 1.52 -22.51
C ILE D 17 0.34 2.44 -21.59
N LEU D 18 1.03 3.26 -20.80
CA LEU D 18 0.33 4.19 -19.90
C LEU D 18 -0.49 5.21 -20.70
N GLN D 19 -0.01 5.55 -21.90
CA GLN D 19 -0.69 6.50 -22.76
C GLN D 19 -1.91 5.92 -23.49
N ILE D 20 -2.01 4.60 -23.54
CA ILE D 20 -3.12 3.95 -24.22
C ILE D 20 -4.15 3.30 -23.27
N LEU D 21 -3.68 2.48 -22.33
CA LEU D 21 -4.58 1.82 -21.39
C LEU D 21 -4.97 2.71 -20.23
N PRO D 22 -6.23 2.63 -19.79
CA PRO D 22 -6.70 3.47 -18.67
C PRO D 22 -6.31 2.90 -17.31
N HIS D 23 -5.86 1.65 -17.29
CA HIS D 23 -5.47 0.99 -16.05
C HIS D 23 -4.25 1.64 -15.41
N ARG D 24 -4.27 1.73 -14.09
CA ARG D 24 -3.15 2.26 -13.33
C ARG D 24 -2.90 1.30 -12.16
N TYR D 25 -1.92 1.65 -11.32
CA TYR D 25 -1.57 0.81 -10.18
C TYR D 25 -2.72 0.74 -9.19
N PRO D 26 -2.99 -0.45 -8.61
CA PRO D 26 -2.29 -1.72 -8.83
C PRO D 26 -3.03 -2.65 -9.79
N MET D 27 -3.48 -2.13 -10.92
CA MET D 27 -4.20 -2.95 -11.88
C MET D 27 -3.75 -2.86 -13.34
N LEU D 28 -2.57 -2.31 -13.58
CA LEU D 28 -2.04 -2.25 -14.93
C LEU D 28 -1.09 -3.44 -14.90
N LEU D 29 -1.48 -4.52 -15.57
CA LEU D 29 -0.70 -5.73 -15.52
C LEU D 29 0.01 -6.14 -16.81
N VAL D 30 0.45 -5.16 -17.58
CA VAL D 30 1.20 -5.41 -18.80
C VAL D 30 2.35 -4.42 -18.77
N ASP D 31 3.58 -4.91 -18.88
CA ASP D 31 4.75 -4.04 -18.81
C ASP D 31 5.32 -3.62 -20.15
N ARG D 32 5.28 -4.49 -21.14
CA ARG D 32 5.86 -4.17 -22.44
C ARG D 32 5.18 -4.95 -23.57
N ILE D 33 5.18 -4.37 -24.78
CA ILE D 33 4.58 -5.02 -25.95
C ILE D 33 5.72 -5.40 -26.87
N THR D 34 5.80 -6.67 -27.26
CA THR D 34 6.89 -7.12 -28.12
C THR D 34 6.49 -7.33 -29.58
N GLU D 35 5.25 -7.78 -29.80
CA GLU D 35 4.72 -8.03 -31.14
C GLU D 35 3.31 -7.50 -31.25
N LEU D 36 3.03 -6.76 -32.31
CA LEU D 36 1.70 -6.22 -32.52
C LEU D 36 1.36 -6.25 -34.01
N GLN D 37 0.31 -6.99 -34.36
CA GLN D 37 -0.17 -7.08 -35.74
C GLN D 37 -1.63 -6.67 -35.72
N ALA D 38 -1.89 -5.45 -36.19
CA ALA D 38 -3.24 -4.89 -36.21
C ALA D 38 -4.35 -5.86 -36.63
N ASN D 39 -5.38 -5.91 -35.79
CA ASN D 39 -6.58 -6.74 -35.96
C ASN D 39 -6.29 -8.23 -36.00
N GLN D 40 -5.06 -8.62 -35.71
CA GLN D 40 -4.71 -10.03 -35.75
C GLN D 40 -4.16 -10.61 -34.46
N LYS D 41 -3.05 -10.05 -33.96
CA LYS D 41 -2.47 -10.61 -32.75
C LYS D 41 -1.54 -9.70 -32.01
N ILE D 42 -1.20 -10.11 -30.80
CA ILE D 42 -0.30 -9.36 -29.96
C ILE D 42 0.44 -10.28 -29.01
N VAL D 43 1.69 -9.96 -28.77
CA VAL D 43 2.52 -10.69 -27.82
C VAL D 43 3.02 -9.61 -26.88
N ALA D 44 2.81 -9.79 -25.59
CA ALA D 44 3.24 -8.81 -24.60
C ALA D 44 3.60 -9.54 -23.32
N TYR D 45 4.04 -8.82 -22.30
CA TYR D 45 4.36 -9.49 -21.07
C TYR D 45 4.39 -8.61 -19.85
N LYS D 46 4.35 -9.26 -18.70
CA LYS D 46 4.40 -8.59 -17.40
C LYS D 46 5.41 -9.36 -16.57
N ASN D 47 6.40 -8.64 -16.01
CA ASN D 47 7.38 -9.30 -15.16
C ASN D 47 6.74 -9.58 -13.81
N ILE D 48 7.05 -10.73 -13.25
CA ILE D 48 6.51 -11.09 -11.94
C ILE D 48 7.63 -10.97 -10.91
N THR D 49 7.39 -10.17 -9.88
CA THR D 49 8.38 -9.97 -8.83
C THR D 49 7.76 -10.14 -7.46
N PHE D 50 8.58 -10.49 -6.48
CA PHE D 50 8.06 -10.66 -5.13
C PHE D 50 7.61 -9.29 -4.60
N ASN D 51 8.23 -8.22 -5.09
CA ASN D 51 7.92 -6.87 -4.65
C ASN D 51 6.56 -6.33 -5.10
N GLU D 52 5.55 -7.19 -5.11
CA GLU D 52 4.22 -6.77 -5.49
C GLU D 52 3.28 -7.04 -4.33
N ASP D 53 2.46 -6.04 -4.02
CA ASP D 53 1.52 -6.10 -2.92
C ASP D 53 0.64 -7.35 -2.96
N VAL D 54 0.20 -7.75 -4.15
CA VAL D 54 -0.64 -8.95 -4.29
C VAL D 54 -0.14 -10.11 -3.45
N PHE D 55 1.17 -10.36 -3.49
CA PHE D 55 1.78 -11.47 -2.77
C PHE D 55 1.66 -11.49 -1.25
N ASN D 56 1.40 -10.34 -0.63
CA ASN D 56 1.22 -10.32 0.81
C ASN D 56 0.05 -11.24 1.18
N GLY D 57 -0.92 -11.36 0.29
CA GLY D 57 -2.06 -12.21 0.61
C GLY D 57 -2.31 -13.43 -0.25
N HIS D 58 -1.43 -13.69 -1.22
CA HIS D 58 -1.64 -14.81 -2.13
C HIS D 58 -0.35 -15.55 -2.49
N PHE D 59 0.24 -16.30 -1.57
CA PHE D 59 -0.23 -16.42 -0.20
C PHE D 59 0.96 -16.20 0.71
N PRO D 60 0.70 -15.99 1.99
CA PRO D 60 1.78 -15.90 2.97
C PRO D 60 2.72 -17.10 2.94
N ASN D 61 4.02 -16.80 2.89
CA ASN D 61 5.08 -17.79 2.73
C ASN D 61 5.07 -18.61 1.45
N LYS D 62 4.17 -18.29 0.54
CA LYS D 62 4.06 -19.00 -0.73
C LYS D 62 3.49 -18.12 -1.84
N PRO D 63 4.34 -17.29 -2.44
CA PRO D 63 3.88 -16.38 -3.48
C PRO D 63 3.46 -17.03 -4.80
N ILE D 64 2.19 -16.85 -5.16
CA ILE D 64 1.65 -17.41 -6.40
C ILE D 64 0.83 -16.31 -7.08
N PHE D 65 1.20 -15.96 -8.31
CA PHE D 65 0.47 -14.92 -9.03
C PHE D 65 -0.93 -15.45 -9.32
N PRO D 66 -1.97 -14.75 -8.82
CA PRO D 66 -3.38 -15.15 -9.01
C PRO D 66 -3.76 -15.45 -10.45
N GLY D 67 -4.31 -16.65 -10.66
CA GLY D 67 -4.73 -17.04 -11.99
C GLY D 67 -5.65 -16.02 -12.64
N VAL D 68 -6.59 -15.46 -11.88
CA VAL D 68 -7.52 -14.47 -12.41
C VAL D 68 -6.80 -13.22 -12.91
N LEU D 69 -5.66 -12.88 -12.29
CA LEU D 69 -4.91 -11.71 -12.72
C LEU D 69 -4.15 -12.03 -14.00
N ILE D 70 -3.87 -13.31 -14.24
CA ILE D 70 -3.21 -13.70 -15.48
C ILE D 70 -4.21 -13.43 -16.61
N VAL D 71 -5.48 -13.71 -16.35
CA VAL D 71 -6.53 -13.49 -17.35
C VAL D 71 -6.69 -12.00 -17.57
N GLU D 72 -6.62 -11.23 -16.48
CA GLU D 72 -6.73 -9.79 -16.54
C GLU D 72 -5.64 -9.27 -17.44
N GLY D 73 -4.43 -9.79 -17.24
CA GLY D 73 -3.30 -9.37 -18.05
C GLY D 73 -3.52 -9.65 -19.52
N MET D 74 -4.11 -10.81 -19.81
CA MET D 74 -4.38 -11.18 -21.18
C MET D 74 -5.41 -10.21 -21.76
N ALA D 75 -6.40 -9.86 -20.95
CA ALA D 75 -7.43 -8.94 -21.37
C ALA D 75 -6.85 -7.55 -21.69
N GLN D 76 -5.93 -7.09 -20.86
CA GLN D 76 -5.30 -5.79 -21.07
C GLN D 76 -4.52 -5.79 -22.37
N SER D 77 -3.86 -6.90 -22.66
CA SER D 77 -3.11 -7.03 -23.91
C SER D 77 -4.10 -6.95 -25.06
N GLY D 78 -5.18 -7.70 -24.94
CA GLY D 78 -6.20 -7.69 -25.96
C GLY D 78 -6.72 -6.27 -26.18
N GLY D 79 -7.03 -5.59 -25.08
CA GLY D 79 -7.54 -4.23 -25.18
C GLY D 79 -6.60 -3.29 -25.89
N PHE D 80 -5.30 -3.47 -25.65
CA PHE D 80 -4.29 -2.63 -26.28
C PHE D 80 -4.27 -2.89 -27.78
N LEU D 81 -4.45 -4.16 -28.16
CA LEU D 81 -4.46 -4.54 -29.57
C LEU D 81 -5.69 -3.91 -30.21
N ALA D 82 -6.83 -4.11 -29.57
CA ALA D 82 -8.09 -3.59 -30.05
C ALA D 82 -8.03 -2.10 -30.36
N PHE D 83 -7.64 -1.31 -29.37
CA PHE D 83 -7.56 0.13 -29.55
C PHE D 83 -6.57 0.59 -30.61
N THR D 84 -5.34 0.11 -30.58
CA THR D 84 -4.35 0.53 -31.56
C THR D 84 -4.75 0.07 -32.96
N SER D 85 -5.57 -0.97 -33.04
CA SER D 85 -6.02 -1.49 -34.33
C SER D 85 -6.98 -0.48 -34.95
N LEU D 86 -7.84 0.09 -34.12
CA LEU D 86 -8.83 1.06 -34.59
C LEU D 86 -8.41 2.53 -34.61
N TRP D 87 -7.48 2.92 -33.75
CA TRP D 87 -7.05 4.33 -33.71
C TRP D 87 -5.54 4.53 -33.78
N GLY D 88 -4.78 3.44 -33.83
CA GLY D 88 -3.33 3.57 -33.88
C GLY D 88 -2.89 4.11 -32.53
N PHE D 89 -1.64 4.57 -32.42
CA PHE D 89 -1.19 5.11 -31.15
C PHE D 89 -1.77 6.53 -30.98
N ASP D 90 -2.95 6.63 -30.37
CA ASP D 90 -3.61 7.91 -30.17
C ASP D 90 -3.97 8.14 -28.71
N PRO D 91 -3.08 8.80 -27.95
CA PRO D 91 -3.32 9.08 -26.54
C PRO D 91 -4.55 9.94 -26.26
N GLU D 92 -4.80 10.92 -27.12
CA GLU D 92 -5.95 11.80 -26.91
C GLU D 92 -7.28 11.08 -27.01
N ILE D 93 -7.42 10.23 -28.02
CA ILE D 93 -8.66 9.49 -28.16
C ILE D 93 -8.72 8.43 -27.08
N ALA D 94 -7.58 7.82 -26.78
CA ALA D 94 -7.51 6.77 -25.78
C ALA D 94 -8.10 7.18 -24.44
N LYS D 95 -7.80 8.39 -23.99
CA LYS D 95 -8.33 8.81 -22.70
C LYS D 95 -9.82 9.13 -22.71
N THR D 96 -10.46 8.98 -23.86
CA THR D 96 -11.89 9.21 -23.99
C THR D 96 -12.51 7.81 -24.04
N LYS D 97 -11.84 6.85 -23.39
CA LYS D 97 -12.30 5.47 -23.41
C LYS D 97 -11.92 4.67 -22.18
N ILE D 98 -12.56 3.50 -22.09
CA ILE D 98 -12.31 2.52 -21.05
C ILE D 98 -12.77 1.25 -21.73
N VAL D 99 -12.30 0.12 -21.22
CA VAL D 99 -12.65 -1.16 -21.81
C VAL D 99 -13.16 -2.03 -20.69
N TYR D 100 -14.24 -2.78 -20.96
CA TYR D 100 -14.78 -3.64 -19.93
C TYR D 100 -15.05 -5.06 -20.40
N PHE D 101 -14.75 -6.00 -19.50
CA PHE D 101 -14.95 -7.41 -19.73
C PHE D 101 -16.42 -7.72 -19.98
N MET D 102 -16.68 -8.51 -21.02
CA MET D 102 -18.05 -8.93 -21.30
C MET D 102 -18.19 -10.40 -20.92
N THR D 103 -17.24 -11.22 -21.35
CA THR D 103 -17.25 -12.64 -21.03
C THR D 103 -15.84 -13.23 -21.00
N ILE D 104 -15.72 -14.39 -20.37
CA ILE D 104 -14.47 -15.14 -20.29
C ILE D 104 -14.89 -16.59 -20.47
N ASP D 105 -14.09 -17.37 -21.18
CA ASP D 105 -14.41 -18.77 -21.42
C ASP D 105 -13.17 -19.63 -21.63
N LYS D 106 -13.35 -20.94 -21.48
CA LYS D 106 -12.28 -21.90 -21.68
C LYS D 106 -10.95 -21.57 -21.04
N VAL D 107 -10.97 -21.05 -19.82
CA VAL D 107 -9.69 -20.77 -19.18
C VAL D 107 -9.21 -21.98 -18.39
N LYS D 108 -7.94 -22.30 -18.59
CA LYS D 108 -7.30 -23.41 -17.90
C LYS D 108 -6.01 -22.91 -17.28
N PHE D 109 -5.74 -23.33 -16.04
CA PHE D 109 -4.54 -22.94 -15.33
C PHE D 109 -3.66 -24.18 -15.21
N ARG D 110 -2.66 -24.28 -16.07
CA ARG D 110 -1.78 -25.45 -16.08
C ARG D 110 -0.57 -25.39 -15.16
N ILE D 111 0.09 -24.24 -15.10
CA ILE D 111 1.29 -24.11 -14.28
C ILE D 111 1.27 -22.85 -13.41
N PRO D 112 1.60 -23.00 -12.12
CA PRO D 112 1.62 -21.82 -11.23
C PRO D 112 2.68 -20.80 -11.64
N VAL D 113 2.33 -19.51 -11.55
CA VAL D 113 3.23 -18.43 -11.90
C VAL D 113 3.79 -17.84 -10.61
N THR D 114 5.12 -17.71 -10.55
CA THR D 114 5.76 -17.21 -9.34
C THR D 114 6.80 -16.12 -9.59
N PRO D 115 7.22 -15.42 -8.52
CA PRO D 115 8.22 -14.36 -8.63
C PRO D 115 9.45 -14.86 -9.39
N GLY D 116 9.94 -14.05 -10.31
CA GLY D 116 11.08 -14.44 -11.13
C GLY D 116 10.62 -14.82 -12.53
N ASP D 117 9.32 -15.05 -12.67
CA ASP D 117 8.75 -15.42 -13.97
C ASP D 117 8.46 -14.21 -14.85
N ARG D 118 8.62 -14.43 -16.15
CA ARG D 118 8.32 -13.42 -17.16
C ARG D 118 7.01 -13.95 -17.78
N LEU D 119 5.87 -13.40 -17.34
CA LEU D 119 4.57 -13.81 -17.83
C LEU D 119 4.29 -13.22 -19.21
N GLU D 120 4.36 -14.07 -20.22
CA GLU D 120 4.15 -13.66 -21.60
C GLU D 120 2.73 -13.89 -22.07
N TYR D 121 2.13 -12.87 -22.66
CA TYR D 121 0.76 -12.95 -23.18
C TYR D 121 0.74 -13.11 -24.70
N HIS D 122 -0.01 -14.11 -25.17
CA HIS D 122 -0.16 -14.37 -26.61
C HIS D 122 -1.66 -14.37 -26.93
N LEU D 123 -2.10 -13.33 -27.61
CA LEU D 123 -3.50 -13.22 -27.97
C LEU D 123 -3.68 -13.04 -29.46
N GLU D 124 -4.76 -13.62 -29.98
CA GLU D 124 -5.08 -13.49 -31.40
C GLU D 124 -6.53 -13.06 -31.45
N VAL D 125 -6.89 -12.27 -32.45
CA VAL D 125 -8.26 -11.80 -32.57
C VAL D 125 -9.11 -12.91 -33.17
N LEU D 126 -10.07 -13.39 -32.40
CA LEU D 126 -10.97 -14.45 -32.82
C LEU D 126 -12.09 -13.83 -33.64
N LYS D 127 -12.49 -12.63 -33.23
CA LYS D 127 -13.56 -11.90 -33.88
C LYS D 127 -13.59 -10.48 -33.36
N HIS D 128 -13.96 -9.54 -34.20
CA HIS D 128 -14.05 -8.14 -33.78
C HIS D 128 -15.03 -7.39 -34.68
N LYS D 129 -15.88 -6.61 -34.03
CA LYS D 129 -16.91 -5.83 -34.71
C LYS D 129 -17.11 -4.53 -33.96
N GLY D 130 -16.60 -3.43 -34.52
CA GLY D 130 -16.74 -2.15 -33.87
C GLY D 130 -15.96 -2.14 -32.56
N MET D 131 -16.63 -1.81 -31.47
CA MET D 131 -15.97 -1.75 -30.17
C MET D 131 -15.93 -3.11 -29.46
N ILE D 132 -16.53 -4.12 -30.07
CA ILE D 132 -16.57 -5.46 -29.48
C ILE D 132 -15.50 -6.40 -30.06
N TRP D 133 -14.56 -6.80 -29.21
CA TRP D 133 -13.47 -7.67 -29.63
C TRP D 133 -13.44 -9.01 -28.88
N GLN D 134 -13.20 -10.08 -29.62
CA GLN D 134 -13.14 -11.39 -29.03
C GLN D 134 -11.74 -11.93 -29.28
N VAL D 135 -10.96 -12.07 -28.20
CA VAL D 135 -9.59 -12.56 -28.32
C VAL D 135 -9.42 -13.86 -27.55
N GLY D 136 -8.37 -14.58 -27.89
CA GLY D 136 -8.11 -15.83 -27.22
C GLY D 136 -6.65 -16.18 -27.36
N GLY D 137 -6.14 -16.97 -26.42
CA GLY D 137 -4.75 -17.35 -26.51
C GLY D 137 -4.21 -18.00 -25.26
N THR D 138 -2.93 -17.77 -25.01
CA THR D 138 -2.26 -18.34 -23.87
C THR D 138 -1.39 -17.33 -23.14
N ALA D 139 -0.90 -17.78 -21.99
CA ALA D 139 0.01 -17.02 -21.17
C ALA D 139 1.18 -17.99 -21.05
N GLN D 140 2.39 -17.53 -21.35
CA GLN D 140 3.54 -18.42 -21.29
C GLN D 140 4.70 -17.94 -20.42
N VAL D 141 5.47 -18.90 -19.94
CA VAL D 141 6.65 -18.66 -19.13
C VAL D 141 7.74 -19.58 -19.67
N ASP D 142 8.82 -18.98 -20.16
CA ASP D 142 9.92 -19.76 -20.74
C ASP D 142 9.36 -20.76 -21.75
N GLY D 143 8.57 -20.26 -22.71
CA GLY D 143 8.00 -21.11 -23.73
C GLY D 143 7.01 -22.21 -23.38
N LYS D 144 6.55 -22.27 -22.13
CA LYS D 144 5.59 -23.28 -21.72
C LYS D 144 4.27 -22.63 -21.37
N VAL D 145 3.17 -23.25 -21.81
CA VAL D 145 1.85 -22.71 -21.54
C VAL D 145 1.49 -22.91 -20.09
N VAL D 146 1.22 -21.81 -19.39
CA VAL D 146 0.86 -21.88 -17.98
C VAL D 146 -0.63 -21.60 -17.84
N ALA D 147 -1.23 -21.06 -18.88
CA ALA D 147 -2.65 -20.76 -18.85
C ALA D 147 -3.21 -20.49 -20.23
N GLU D 148 -4.51 -20.74 -20.38
CA GLU D 148 -5.22 -20.52 -21.64
C GLU D 148 -6.52 -19.82 -21.29
N ALA D 149 -7.02 -19.02 -22.23
CA ALA D 149 -8.28 -18.31 -22.01
C ALA D 149 -8.82 -17.64 -23.27
N GLU D 150 -10.12 -17.39 -23.23
CA GLU D 150 -10.85 -16.72 -24.30
C GLU D 150 -11.65 -15.64 -23.60
N LEU D 151 -11.63 -14.44 -24.14
CA LEU D 151 -12.39 -13.38 -23.51
C LEU D 151 -12.89 -12.41 -24.55
N LYS D 152 -14.01 -11.77 -24.22
CA LYS D 152 -14.62 -10.78 -25.10
C LYS D 152 -14.71 -9.49 -24.29
N ALA D 153 -14.29 -8.39 -24.89
CA ALA D 153 -14.33 -7.11 -24.21
C ALA D 153 -14.90 -6.04 -25.11
N MET D 154 -15.15 -4.87 -24.53
CA MET D 154 -15.68 -3.75 -25.29
C MET D 154 -15.04 -2.45 -24.87
N ILE D 155 -14.79 -1.59 -25.84
CA ILE D 155 -14.21 -0.29 -25.55
C ILE D 155 -15.41 0.67 -25.53
N ALA D 156 -15.53 1.43 -24.45
CA ALA D 156 -16.66 2.33 -24.31
C ALA D 156 -16.27 3.76 -23.91
N GLU D 157 -17.18 4.69 -24.19
CA GLU D 157 -17.00 6.12 -23.89
C GLU D 157 -16.98 6.46 -22.41
N ARG D 158 -17.10 7.76 -22.11
CA ARG D 158 -17.07 8.22 -20.73
C ARG D 158 -17.99 9.43 -20.51
N LEU E 8 -29.30 19.63 -4.86
CA LEU E 8 -30.67 19.60 -5.47
C LEU E 8 -31.18 18.17 -5.46
N GLN E 9 -30.28 17.22 -5.69
CA GLN E 9 -30.63 15.80 -5.68
C GLN E 9 -30.60 15.27 -4.25
N SER E 10 -31.01 14.02 -4.06
CA SER E 10 -31.01 13.41 -2.73
C SER E 10 -30.17 12.13 -2.69
N GLN E 11 -29.90 11.54 -3.85
CA GLN E 11 -29.10 10.32 -3.93
C GLN E 11 -27.85 10.60 -4.77
N PHE E 12 -26.67 10.34 -4.21
CA PHE E 12 -25.42 10.57 -4.93
C PHE E 12 -24.53 9.34 -4.82
N PHE E 13 -23.87 9.01 -5.92
CA PHE E 13 -22.98 7.86 -5.96
C PHE E 13 -21.52 8.29 -5.85
N ILE E 14 -20.63 7.33 -5.65
CA ILE E 14 -19.21 7.62 -5.48
C ILE E 14 -18.63 8.62 -6.48
N GLU E 15 -19.15 8.66 -7.70
CA GLU E 15 -18.62 9.60 -8.70
C GLU E 15 -18.96 11.04 -8.29
N HIS E 16 -20.13 11.23 -7.71
CA HIS E 16 -20.57 12.55 -7.29
C HIS E 16 -19.82 12.96 -6.05
N ILE E 17 -19.57 12.00 -5.16
CA ILE E 17 -18.84 12.28 -3.93
C ILE E 17 -17.42 12.74 -4.25
N LEU E 18 -16.79 12.10 -5.22
CA LEU E 18 -15.43 12.45 -5.64
C LEU E 18 -15.34 13.89 -6.17
N GLN E 19 -16.44 14.39 -6.73
CA GLN E 19 -16.45 15.74 -7.28
C GLN E 19 -16.70 16.82 -6.24
N ILE E 20 -17.12 16.41 -5.05
CA ILE E 20 -17.41 17.37 -4.00
C ILE E 20 -16.39 17.35 -2.87
N LEU E 21 -16.15 16.19 -2.28
CA LEU E 21 -15.20 16.08 -1.19
C LEU E 21 -13.76 16.05 -1.68
N PRO E 22 -12.84 16.69 -0.95
CA PRO E 22 -11.43 16.71 -1.34
C PRO E 22 -10.71 15.42 -0.96
N HIS E 23 -11.26 14.70 0.02
CA HIS E 23 -10.65 13.46 0.47
C HIS E 23 -10.43 12.45 -0.64
N ARG E 24 -9.35 11.70 -0.53
CA ARG E 24 -9.00 10.68 -1.49
C ARG E 24 -8.44 9.47 -0.75
N TYR E 25 -8.16 8.38 -1.46
CA TYR E 25 -7.63 7.18 -0.85
C TYR E 25 -6.33 7.48 -0.10
N PRO E 26 -6.17 6.95 1.11
CA PRO E 26 -7.09 6.08 1.84
C PRO E 26 -7.90 6.83 2.91
N MET E 27 -8.37 8.03 2.59
CA MET E 27 -9.14 8.82 3.55
C MET E 27 -10.51 9.33 3.09
N LEU E 28 -11.04 8.77 2.00
CA LEU E 28 -12.36 9.13 1.52
C LEU E 28 -13.20 7.98 2.07
N LEU E 29 -13.91 8.25 3.15
CA LEU E 29 -14.69 7.21 3.81
C LEU E 29 -16.21 7.24 3.67
N VAL E 30 -16.69 7.70 2.52
CA VAL E 30 -18.12 7.74 2.22
C VAL E 30 -18.29 7.14 0.83
N ASP E 31 -19.10 6.10 0.72
CA ASP E 31 -19.31 5.46 -0.56
C ASP E 31 -20.56 5.89 -1.33
N ARG E 32 -21.61 6.27 -0.60
CA ARG E 32 -22.84 6.65 -1.27
C ARG E 32 -23.73 7.51 -0.37
N ILE E 33 -24.51 8.41 -0.98
CA ILE E 33 -25.43 9.28 -0.22
C ILE E 33 -26.86 8.82 -0.54
N THR E 34 -27.64 8.48 0.48
CA THR E 34 -29.01 8.01 0.22
C THR E 34 -30.09 9.06 0.43
N GLU E 35 -29.84 10.03 1.30
CA GLU E 35 -30.79 11.10 1.56
C GLU E 35 -30.02 12.39 1.74
N LEU E 36 -30.63 13.50 1.35
CA LEU E 36 -29.98 14.79 1.51
C LEU E 36 -31.01 15.93 1.54
N GLN E 37 -31.02 16.68 2.63
CA GLN E 37 -31.91 17.82 2.80
C GLN E 37 -30.97 19.01 3.08
N ALA E 38 -30.94 19.97 2.15
CA ALA E 38 -30.08 21.15 2.28
C ALA E 38 -30.20 21.90 3.60
N ASN E 39 -29.06 22.16 4.23
CA ASN E 39 -28.99 22.87 5.50
C ASN E 39 -29.67 22.11 6.63
N GLN E 40 -30.03 20.85 6.39
CA GLN E 40 -30.72 20.10 7.43
C GLN E 40 -30.11 18.78 7.85
N LYS E 41 -30.21 17.77 6.99
CA LYS E 41 -29.68 16.45 7.31
C LYS E 41 -29.13 15.73 6.10
N ILE E 42 -28.39 14.66 6.37
CA ILE E 42 -27.85 13.82 5.32
C ILE E 42 -27.74 12.40 5.85
N VAL E 43 -27.96 11.42 4.97
CA VAL E 43 -27.85 10.03 5.34
C VAL E 43 -26.95 9.43 4.28
N ALA E 44 -25.85 8.82 4.69
CA ALA E 44 -24.92 8.23 3.75
C ALA E 44 -24.31 7.00 4.39
N TYR E 45 -23.53 6.26 3.61
CA TYR E 45 -22.90 5.08 4.17
C TYR E 45 -21.61 4.69 3.47
N LYS E 46 -20.84 3.87 4.17
CA LYS E 46 -19.58 3.34 3.70
C LYS E 46 -19.60 1.84 3.96
N ASN E 47 -19.32 1.04 2.94
CA ASN E 47 -19.28 -0.40 3.16
C ASN E 47 -17.95 -0.71 3.85
N ILE E 48 -18.00 -1.63 4.81
CA ILE E 48 -16.80 -2.04 5.54
C ILE E 48 -16.43 -3.43 5.01
N THR E 49 -15.20 -3.58 4.54
CA THR E 49 -14.76 -4.86 4.00
C THR E 49 -13.40 -5.22 4.56
N PHE E 50 -13.07 -6.51 4.56
CA PHE E 50 -11.78 -6.93 5.08
C PHE E 50 -10.67 -6.38 4.19
N ASN E 51 -10.98 -6.26 2.90
CA ASN E 51 -10.03 -5.78 1.90
C ASN E 51 -9.64 -4.30 2.05
N GLU E 52 -9.48 -3.85 3.29
CA GLU E 52 -9.09 -2.46 3.56
C GLU E 52 -7.79 -2.50 4.35
N ASP E 53 -6.85 -1.63 3.96
CA ASP E 53 -5.52 -1.56 4.56
C ASP E 53 -5.49 -1.32 6.07
N VAL E 54 -6.43 -0.54 6.60
CA VAL E 54 -6.44 -0.28 8.05
C VAL E 54 -6.52 -1.56 8.84
N PHE E 55 -7.16 -2.58 8.28
CA PHE E 55 -7.32 -3.84 8.99
C PHE E 55 -6.01 -4.61 9.24
N ASN E 56 -4.97 -4.30 8.47
CA ASN E 56 -3.67 -4.95 8.69
C ASN E 56 -3.16 -4.59 10.08
N GLY E 57 -3.55 -3.43 10.60
CA GLY E 57 -3.07 -3.03 11.90
C GLY E 57 -4.09 -2.81 13.00
N HIS E 58 -5.37 -2.99 12.71
CA HIS E 58 -6.39 -2.74 13.72
C HIS E 58 -7.54 -3.77 13.70
N PHE E 59 -7.31 -4.99 14.19
CA PHE E 59 -6.03 -5.45 14.76
C PHE E 59 -5.72 -6.78 14.08
N PRO E 60 -4.45 -7.21 14.10
CA PRO E 60 -4.11 -8.49 13.47
C PRO E 60 -5.00 -9.62 14.01
N ASN E 61 -5.69 -10.32 13.12
CA ASN E 61 -6.60 -11.41 13.47
C ASN E 61 -7.90 -10.99 14.12
N LYS E 62 -8.07 -9.69 14.32
CA LYS E 62 -9.29 -9.20 14.94
C LYS E 62 -9.67 -7.87 14.29
N PRO E 63 -10.22 -7.91 13.06
CA PRO E 63 -10.64 -6.74 12.28
C PRO E 63 -11.72 -5.89 12.95
N ILE E 64 -11.37 -4.66 13.30
CA ILE E 64 -12.29 -3.73 13.94
C ILE E 64 -12.10 -2.37 13.28
N PHE E 65 -13.12 -1.87 12.59
CA PHE E 65 -13.01 -0.58 11.94
C PHE E 65 -12.75 0.48 13.02
N PRO E 66 -11.61 1.19 12.94
CA PRO E 66 -11.25 2.22 13.92
C PRO E 66 -12.39 3.19 14.25
N GLY E 67 -12.66 3.34 15.54
CA GLY E 67 -13.70 4.26 15.99
C GLY E 67 -13.49 5.67 15.46
N VAL E 68 -12.26 6.15 15.51
CA VAL E 68 -11.96 7.49 15.01
C VAL E 68 -12.27 7.63 13.52
N LEU E 69 -12.21 6.54 12.77
CA LEU E 69 -12.51 6.64 11.35
C LEU E 69 -14.02 6.70 11.13
N ILE E 70 -14.78 6.19 12.08
CA ILE E 70 -16.24 6.26 12.01
C ILE E 70 -16.60 7.74 12.11
N VAL E 71 -15.95 8.41 13.05
CA VAL E 71 -16.15 9.84 13.27
C VAL E 71 -15.76 10.61 12.02
N GLU E 72 -14.65 10.21 11.43
CA GLU E 72 -14.15 10.84 10.23
C GLU E 72 -15.19 10.70 9.13
N GLY E 73 -15.82 9.53 9.04
CA GLY E 73 -16.83 9.29 8.04
C GLY E 73 -18.06 10.16 8.20
N MET E 74 -18.43 10.40 9.46
CA MET E 74 -19.57 11.24 9.77
C MET E 74 -19.26 12.68 9.40
N ALA E 75 -18.02 13.10 9.69
CA ALA E 75 -17.58 14.45 9.39
C ALA E 75 -17.62 14.69 7.89
N GLN E 76 -17.14 13.71 7.13
CA GLN E 76 -17.13 13.80 5.69
C GLN E 76 -18.56 13.85 5.16
N SER E 77 -19.49 13.21 5.85
CA SER E 77 -20.89 13.23 5.45
C SER E 77 -21.42 14.65 5.65
N GLY E 78 -21.06 15.23 6.80
CA GLY E 78 -21.49 16.58 7.10
C GLY E 78 -20.88 17.53 6.10
N GLY E 79 -19.62 17.30 5.78
CA GLY E 79 -18.93 18.14 4.84
C GLY E 79 -19.62 18.17 3.49
N PHE E 80 -20.08 17.02 3.03
CA PHE E 80 -20.77 16.95 1.75
C PHE E 80 -22.04 17.77 1.85
N LEU E 81 -22.72 17.64 2.98
CA LEU E 81 -23.95 18.37 3.22
C LEU E 81 -23.64 19.87 3.28
N ALA E 82 -22.58 20.23 3.99
CA ALA E 82 -22.22 21.63 4.12
C ALA E 82 -21.95 22.27 2.77
N PHE E 83 -21.09 21.65 1.97
CA PHE E 83 -20.74 22.19 0.68
C PHE E 83 -21.88 22.31 -0.32
N THR E 84 -22.71 21.28 -0.42
CA THR E 84 -23.79 21.34 -1.38
C THR E 84 -24.87 22.33 -0.94
N SER E 85 -24.97 22.57 0.36
CA SER E 85 -25.95 23.50 0.88
C SER E 85 -25.48 24.91 0.52
N LEU E 86 -24.18 25.08 0.46
CA LEU E 86 -23.58 26.36 0.15
C LEU E 86 -23.59 26.71 -1.34
N TRP E 87 -22.95 25.88 -2.16
CA TRP E 87 -22.87 26.16 -3.60
C TRP E 87 -23.64 25.20 -4.51
N GLY E 88 -24.43 24.31 -3.92
CA GLY E 88 -25.15 23.34 -4.72
C GLY E 88 -24.15 22.31 -5.21
N PHE E 89 -24.51 21.55 -6.23
CA PHE E 89 -23.58 20.56 -6.76
C PHE E 89 -22.68 21.27 -7.77
N ASP E 90 -21.57 21.82 -7.28
CA ASP E 90 -20.64 22.55 -8.12
C ASP E 90 -19.21 22.02 -7.97
N PRO E 91 -18.83 21.06 -8.82
CA PRO E 91 -17.49 20.47 -8.79
C PRO E 91 -16.34 21.46 -9.01
N GLU E 92 -16.51 22.40 -9.94
CA GLU E 92 -15.46 23.36 -10.21
C GLU E 92 -15.12 24.23 -8.99
N ILE E 93 -16.12 24.50 -8.16
CA ILE E 93 -15.88 25.29 -6.96
C ILE E 93 -15.28 24.37 -5.89
N ALA E 94 -15.85 23.18 -5.75
CA ALA E 94 -15.37 22.20 -4.78
C ALA E 94 -13.90 21.82 -4.98
N LYS E 95 -13.46 21.84 -6.23
CA LYS E 95 -12.09 21.47 -6.57
C LYS E 95 -10.98 22.14 -5.75
N THR E 96 -11.21 23.35 -5.26
CA THR E 96 -10.16 24.02 -4.49
C THR E 96 -10.43 24.21 -3.01
N LYS E 97 -11.41 23.48 -2.48
CA LYS E 97 -11.76 23.57 -1.06
C LYS E 97 -11.19 22.36 -0.29
N ILE E 98 -11.01 22.54 1.01
CA ILE E 98 -10.57 21.44 1.86
C ILE E 98 -11.43 21.60 3.10
N VAL E 99 -11.42 20.60 3.97
CA VAL E 99 -12.23 20.63 5.18
C VAL E 99 -11.35 20.44 6.42
N TYR E 100 -11.55 21.29 7.43
CA TYR E 100 -10.78 21.22 8.65
C TYR E 100 -11.69 20.87 9.82
N PHE E 101 -11.22 19.96 10.67
CA PHE E 101 -11.96 19.59 11.86
C PHE E 101 -11.67 20.70 12.87
N MET E 102 -12.69 21.19 13.56
CA MET E 102 -12.48 22.23 14.56
C MET E 102 -12.66 21.63 15.94
N THR E 103 -13.75 20.88 16.13
CA THR E 103 -14.03 20.23 17.41
C THR E 103 -14.79 18.90 17.24
N ILE E 104 -14.79 18.11 18.30
CA ILE E 104 -15.48 16.84 18.35
C ILE E 104 -15.95 16.68 19.79
N ASP E 105 -17.24 16.39 19.99
CA ASP E 105 -17.75 16.24 21.34
C ASP E 105 -18.74 15.10 21.47
N LYS E 106 -18.99 14.71 22.71
CA LYS E 106 -19.93 13.65 23.07
C LYS E 106 -19.98 12.49 22.10
N VAL E 107 -18.82 11.91 21.86
CA VAL E 107 -18.70 10.76 20.98
C VAL E 107 -18.79 9.54 21.87
N LYS E 108 -19.57 8.55 21.46
CA LYS E 108 -19.68 7.32 22.23
C LYS E 108 -19.79 6.15 21.27
N PHE E 109 -19.00 5.11 21.51
CA PHE E 109 -19.03 3.91 20.68
C PHE E 109 -19.78 2.83 21.45
N ARG E 110 -20.74 2.18 20.82
CA ARG E 110 -21.54 1.18 21.50
C ARG E 110 -21.36 -0.24 20.95
N ILE E 111 -21.14 -0.34 19.64
CA ILE E 111 -20.99 -1.64 18.97
C ILE E 111 -19.82 -1.60 17.97
N PRO E 112 -18.94 -2.62 18.02
CA PRO E 112 -17.81 -2.67 17.10
C PRO E 112 -18.26 -2.81 15.66
N VAL E 113 -17.59 -2.10 14.76
CA VAL E 113 -17.91 -2.19 13.36
C VAL E 113 -16.87 -3.15 12.75
N THR E 114 -17.34 -4.16 12.03
CA THR E 114 -16.45 -5.15 11.42
C THR E 114 -16.72 -5.38 9.93
N PRO E 115 -15.79 -6.07 9.25
CA PRO E 115 -15.93 -6.37 7.81
C PRO E 115 -17.28 -7.02 7.55
N GLY E 116 -17.97 -6.55 6.51
CA GLY E 116 -19.28 -7.08 6.20
C GLY E 116 -20.36 -6.12 6.64
N ASP E 117 -20.01 -5.15 7.47
CA ASP E 117 -20.98 -4.17 7.93
C ASP E 117 -21.20 -3.03 6.94
N ARG E 118 -22.44 -2.54 6.89
CA ARG E 118 -22.80 -1.41 6.05
C ARG E 118 -22.92 -0.30 7.09
N LEU E 119 -21.89 0.55 7.17
CA LEU E 119 -21.86 1.63 8.16
C LEU E 119 -22.62 2.86 7.66
N GLU E 120 -23.81 3.06 8.22
CA GLU E 120 -24.66 4.17 7.81
C GLU E 120 -24.52 5.43 8.67
N TYR E 121 -24.15 6.54 8.04
CA TYR E 121 -24.00 7.80 8.73
C TYR E 121 -25.29 8.63 8.66
N HIS E 122 -25.72 9.13 9.81
CA HIS E 122 -26.92 9.97 9.90
C HIS E 122 -26.49 11.25 10.58
N LEU E 123 -26.38 12.33 9.80
CA LEU E 123 -25.98 13.62 10.35
C LEU E 123 -27.08 14.65 10.18
N GLU E 124 -27.22 15.49 11.20
CA GLU E 124 -28.20 16.57 11.22
C GLU E 124 -27.48 17.85 11.58
N VAL E 125 -27.85 18.95 10.93
CA VAL E 125 -27.21 20.23 11.19
C VAL E 125 -27.72 20.81 12.50
N LEU E 126 -26.80 21.05 13.43
CA LEU E 126 -27.18 21.61 14.72
C LEU E 126 -27.05 23.13 14.68
N LYS E 127 -26.16 23.60 13.81
CA LYS E 127 -25.90 25.02 13.68
C LYS E 127 -24.81 25.25 12.62
N HIS E 128 -25.05 26.21 11.75
CA HIS E 128 -24.08 26.54 10.74
C HIS E 128 -24.08 28.03 10.54
N LYS E 129 -22.92 28.56 10.14
CA LYS E 129 -22.74 29.99 9.91
C LYS E 129 -21.50 30.16 9.02
N GLY E 130 -21.73 30.57 7.78
CA GLY E 130 -20.63 30.74 6.85
C GLY E 130 -20.02 29.39 6.53
N MET E 131 -18.72 29.27 6.73
CA MET E 131 -17.99 28.04 6.46
C MET E 131 -18.04 27.05 7.62
N ILE E 132 -18.50 27.50 8.78
CA ILE E 132 -18.51 26.66 9.96
C ILE E 132 -19.82 25.91 10.23
N TRP E 133 -19.75 24.60 10.10
CA TRP E 133 -20.90 23.74 10.32
C TRP E 133 -20.75 22.85 11.55
N GLN E 134 -21.75 22.93 12.42
CA GLN E 134 -21.79 22.15 13.66
C GLN E 134 -22.82 21.08 13.38
N VAL E 135 -22.32 19.87 13.17
CA VAL E 135 -23.17 18.75 12.83
C VAL E 135 -23.19 17.68 13.92
N GLY E 136 -24.28 16.91 13.96
CA GLY E 136 -24.41 15.87 14.98
C GLY E 136 -25.27 14.70 14.54
N GLY E 137 -25.01 13.53 15.10
CA GLY E 137 -25.80 12.36 14.71
C GLY E 137 -25.24 11.02 15.17
N THR E 138 -25.52 9.98 14.38
CA THR E 138 -25.09 8.63 14.70
C THR E 138 -24.59 7.84 13.51
N ALA E 139 -23.96 6.71 13.79
CA ALA E 139 -23.47 5.79 12.78
C ALA E 139 -24.29 4.55 13.09
N GLN E 140 -24.79 3.89 12.05
CA GLN E 140 -25.61 2.71 12.27
C GLN E 140 -25.29 1.53 11.37
N VAL E 141 -25.53 0.33 11.89
CA VAL E 141 -25.32 -0.89 11.14
C VAL E 141 -26.60 -1.69 11.37
N ASP E 142 -27.25 -2.06 10.27
CA ASP E 142 -28.50 -2.81 10.34
C ASP E 142 -29.48 -2.20 11.34
N GLY E 143 -29.75 -0.91 11.16
CA GLY E 143 -30.70 -0.20 12.01
C GLY E 143 -30.32 0.06 13.46
N LYS E 144 -29.16 -0.42 13.91
CA LYS E 144 -28.75 -0.19 15.30
C LYS E 144 -27.69 0.89 15.42
N VAL E 145 -27.74 1.64 16.50
CA VAL E 145 -26.78 2.71 16.72
C VAL E 145 -25.44 2.11 17.15
N VAL E 146 -24.44 2.32 16.33
CA VAL E 146 -23.13 1.76 16.58
C VAL E 146 -22.24 2.85 17.19
N ALA E 147 -22.59 4.10 16.93
CA ALA E 147 -21.84 5.23 17.45
C ALA E 147 -22.64 6.52 17.35
N GLU E 148 -22.27 7.49 18.17
CA GLU E 148 -22.94 8.78 18.18
C GLU E 148 -21.85 9.83 18.32
N ALA E 149 -22.01 10.96 17.64
CA ALA E 149 -21.01 12.01 17.71
C ALA E 149 -21.54 13.38 17.35
N GLU E 150 -20.80 14.38 17.81
CA GLU E 150 -21.10 15.77 17.57
C GLU E 150 -19.77 16.34 17.06
N LEU E 151 -19.82 17.13 15.99
CA LEU E 151 -18.58 17.70 15.47
C LEU E 151 -18.81 19.01 14.74
N LYS E 152 -17.75 19.82 14.71
CA LYS E 152 -17.79 21.10 14.02
C LYS E 152 -16.61 21.11 13.06
N ALA E 153 -16.91 21.36 11.79
CA ALA E 153 -15.88 21.40 10.77
C ALA E 153 -15.97 22.71 9.99
N MET E 154 -14.85 23.12 9.39
CA MET E 154 -14.82 24.35 8.65
C MET E 154 -14.39 24.12 7.22
N ILE E 155 -15.16 24.66 6.28
CA ILE E 155 -14.80 24.53 4.87
C ILE E 155 -13.87 25.72 4.58
N ALA E 156 -12.79 25.45 3.85
CA ALA E 156 -11.82 26.49 3.53
C ALA E 156 -11.25 26.32 2.15
N GLU E 157 -10.76 27.42 1.57
CA GLU E 157 -10.13 27.41 0.25
C GLU E 157 -8.66 27.07 0.35
N ARG E 158 -8.20 26.14 -0.46
CA ARG E 158 -6.78 25.78 -0.46
C ARG E 158 -5.98 27.06 -0.68
N GLU E 159 -5.06 27.37 0.25
CA GLU E 159 -4.25 28.57 0.10
C GLU E 159 -2.79 28.19 -0.05
N SER F 10 11.20 4.24 31.97
CA SER F 10 10.50 5.48 31.53
C SER F 10 10.89 5.96 30.12
N GLN F 11 11.85 5.28 29.50
CA GLN F 11 12.27 5.63 28.13
C GLN F 11 12.02 4.41 27.23
N PHE F 12 10.84 4.35 26.62
CA PHE F 12 10.48 3.19 25.77
C PHE F 12 10.58 3.50 24.28
N PHE F 13 11.10 2.54 23.53
CA PHE F 13 11.23 2.72 22.09
C PHE F 13 10.24 1.88 21.32
N ILE F 14 10.21 2.05 20.01
CA ILE F 14 9.26 1.32 19.18
C ILE F 14 9.14 -0.17 19.48
N GLU F 15 10.27 -0.87 19.68
CA GLU F 15 10.17 -2.30 19.97
C GLU F 15 9.49 -2.59 21.31
N HIS F 16 9.58 -1.66 22.26
CA HIS F 16 8.94 -1.84 23.55
C HIS F 16 7.46 -1.56 23.36
N ILE F 17 7.15 -0.51 22.60
CA ILE F 17 5.78 -0.14 22.33
C ILE F 17 5.08 -1.31 21.63
N LEU F 18 5.78 -1.94 20.68
CA LEU F 18 5.25 -3.07 19.93
C LEU F 18 4.84 -4.24 20.83
N GLN F 19 5.58 -4.43 21.92
CA GLN F 19 5.29 -5.52 22.85
C GLN F 19 4.10 -5.23 23.78
N ILE F 20 3.65 -3.98 23.85
CA ILE F 20 2.53 -3.65 24.72
C ILE F 20 1.24 -3.38 23.96
N LEU F 21 1.29 -2.44 23.02
CA LEU F 21 0.09 -2.12 22.24
C LEU F 21 -0.14 -3.16 21.16
N PRO F 22 -1.42 -3.49 20.90
CA PRO F 22 -1.80 -4.49 19.89
C PRO F 22 -1.81 -3.88 18.49
N HIS F 23 -1.86 -2.55 18.42
CA HIS F 23 -1.90 -1.86 17.13
C HIS F 23 -0.69 -2.12 16.24
N ARG F 24 -0.93 -2.21 14.94
CA ARG F 24 0.14 -2.42 13.98
C ARG F 24 -0.09 -1.53 12.78
N TYR F 25 0.82 -1.59 11.80
CA TYR F 25 0.73 -0.77 10.60
C TYR F 25 -0.57 -1.03 9.82
N PRO F 26 -1.23 0.02 9.34
CA PRO F 26 -0.85 1.44 9.46
C PRO F 26 -1.65 2.16 10.54
N MET F 27 -1.87 1.49 11.67
CA MET F 27 -2.63 2.10 12.75
C MET F 27 -1.90 2.20 14.08
N LEU F 28 -0.57 2.11 14.06
CA LEU F 28 0.21 2.25 15.28
C LEU F 28 0.79 3.66 15.16
N LEU F 29 0.23 4.57 15.92
CA LEU F 29 0.64 5.96 15.80
C LEU F 29 1.45 6.58 16.92
N VAL F 30 2.28 5.78 17.60
CA VAL F 30 3.14 6.28 18.66
C VAL F 30 4.51 5.69 18.41
N ASP F 31 5.51 6.54 18.22
CA ASP F 31 6.86 6.04 17.95
C ASP F 31 7.76 5.90 19.16
N ARG F 32 7.53 6.72 20.19
CA ARG F 32 8.38 6.69 21.35
C ARG F 32 7.73 7.27 22.61
N ILE F 33 8.07 6.70 23.77
CA ILE F 33 7.55 7.16 25.06
C ILE F 33 8.72 7.88 25.74
N THR F 34 8.54 9.13 26.12
CA THR F 34 9.61 9.89 26.76
C THR F 34 9.47 9.93 28.28
N GLU F 35 8.23 9.96 28.78
CA GLU F 35 7.95 10.00 30.21
C GLU F 35 6.80 9.08 30.60
N LEU F 36 6.93 8.43 31.75
CA LEU F 36 5.89 7.53 32.23
C LEU F 36 5.81 7.54 33.76
N GLN F 37 4.61 7.76 34.29
CA GLN F 37 4.37 7.76 35.72
C GLN F 37 3.05 7.06 35.96
N ALA F 38 3.13 5.82 36.45
CA ALA F 38 1.96 5.01 36.70
C ALA F 38 0.79 5.76 37.36
N ASN F 39 -0.41 5.56 36.80
CA ASN F 39 -1.63 6.18 37.32
C ASN F 39 -1.59 7.71 37.37
N GLN F 40 -0.62 8.30 36.70
CA GLN F 40 -0.51 9.76 36.69
C GLN F 40 -0.53 10.35 35.29
N LYS F 41 0.57 10.21 34.55
CA LYS F 41 0.64 10.78 33.21
C LYS F 41 1.62 10.09 32.29
N ILE F 42 1.60 10.49 31.02
CA ILE F 42 2.51 9.94 30.04
C ILE F 42 2.75 10.96 28.95
N VAL F 43 4.00 11.07 28.50
CA VAL F 43 4.38 11.98 27.44
C VAL F 43 5.04 11.13 26.36
N ALA F 44 4.55 11.22 25.13
CA ALA F 44 5.11 10.45 24.02
C ALA F 44 4.99 11.25 22.74
N TYR F 45 5.47 10.68 21.65
CA TYR F 45 5.38 11.37 20.38
C TYR F 45 5.43 10.46 19.18
N LYS F 46 5.01 11.03 18.06
CA LYS F 46 5.00 10.34 16.78
C LYS F 46 5.57 11.31 15.77
N ASN F 47 6.54 10.86 14.98
CA ASN F 47 7.09 11.71 13.95
C ASN F 47 6.08 11.74 12.80
N ILE F 48 5.96 12.90 12.16
CA ILE F 48 5.07 13.06 11.03
C ILE F 48 5.96 13.31 9.82
N THR F 49 5.87 12.43 8.83
CA THR F 49 6.68 12.52 7.63
C THR F 49 5.77 12.44 6.41
N PHE F 50 6.21 12.98 5.29
CA PHE F 50 5.42 12.91 4.09
C PHE F 50 5.28 11.47 3.61
N ASN F 51 6.25 10.63 3.96
CA ASN F 51 6.27 9.22 3.56
C ASN F 51 5.28 8.31 4.29
N GLU F 52 4.06 8.81 4.51
CA GLU F 52 3.01 8.05 5.19
C GLU F 52 1.82 8.00 4.22
N ASP F 53 1.33 6.79 3.97
CA ASP F 53 0.22 6.56 3.05
C ASP F 53 -0.99 7.47 3.25
N VAL F 54 -1.33 7.78 4.49
CA VAL F 54 -2.47 8.62 4.77
C VAL F 54 -2.45 9.94 3.97
N PHE F 55 -1.27 10.52 3.77
CA PHE F 55 -1.17 11.79 3.06
C PHE F 55 -1.57 11.75 1.58
N ASN F 56 -1.64 10.56 0.99
CA ASN F 56 -2.06 10.45 -0.40
C ASN F 56 -3.49 10.97 -0.51
N GLY F 57 -4.28 10.78 0.54
CA GLY F 57 -5.65 11.23 0.51
C GLY F 57 -6.07 12.32 1.48
N HIS F 58 -5.14 12.89 2.24
CA HIS F 58 -5.51 13.93 3.19
C HIS F 58 -4.50 15.07 3.37
N PHE F 59 -4.40 15.98 2.40
CA PHE F 59 -5.20 15.95 1.18
C PHE F 59 -4.24 16.00 0.01
N PRO F 60 -4.73 15.68 -1.20
CA PRO F 60 -3.85 15.73 -2.37
C PRO F 60 -3.25 17.14 -2.51
N ASN F 61 -1.94 17.22 -2.72
CA ASN F 61 -1.30 18.53 -2.88
C ASN F 61 -1.33 19.40 -1.61
N LYS F 62 -1.80 18.84 -0.51
CA LYS F 62 -1.91 19.59 0.74
C LYS F 62 -1.93 18.60 1.91
N PRO F 63 -0.75 18.13 2.34
CA PRO F 63 -0.64 17.18 3.45
C PRO F 63 -0.93 17.71 4.84
N ILE F 64 -2.00 17.18 5.43
CA ILE F 64 -2.44 17.55 6.78
C ILE F 64 -2.70 16.26 7.55
N PHE F 65 -1.97 16.04 8.65
CA PHE F 65 -2.18 14.82 9.44
C PHE F 65 -3.59 14.88 9.98
N PRO F 66 -4.43 13.88 9.64
CA PRO F 66 -5.84 13.84 10.11
C PRO F 66 -6.04 14.10 11.61
N GLY F 67 -6.94 15.01 11.93
CA GLY F 67 -7.20 15.32 13.32
C GLY F 67 -7.65 14.11 14.12
N VAL F 68 -8.40 13.20 13.50
CA VAL F 68 -8.87 12.02 14.19
C VAL F 68 -7.72 11.09 14.54
N LEU F 69 -6.65 11.12 13.74
CA LEU F 69 -5.49 10.28 14.00
C LEU F 69 -4.64 10.89 15.11
N ILE F 70 -4.80 12.19 15.32
CA ILE F 70 -4.11 12.87 16.39
C ILE F 70 -4.75 12.32 17.66
N VAL F 71 -6.09 12.25 17.65
CA VAL F 71 -6.83 11.74 18.80
C VAL F 71 -6.50 10.26 19.02
N GLU F 72 -6.39 9.50 17.93
CA GLU F 72 -6.06 8.08 18.01
C GLU F 72 -4.68 7.93 18.66
N GLY F 73 -3.74 8.79 18.25
CA GLY F 73 -2.41 8.74 18.83
C GLY F 73 -2.44 9.05 20.31
N MET F 74 -3.35 9.93 20.73
CA MET F 74 -3.46 10.27 22.14
C MET F 74 -4.07 9.10 22.88
N ALA F 75 -5.01 8.41 22.24
CA ALA F 75 -5.67 7.25 22.83
C ALA F 75 -4.64 6.14 23.03
N GLN F 76 -3.83 5.89 22.02
CA GLN F 76 -2.81 4.84 22.13
C GLN F 76 -1.86 5.19 23.26
N SER F 77 -1.49 6.47 23.38
CA SER F 77 -0.61 6.87 24.46
C SER F 77 -1.28 6.53 25.78
N GLY F 78 -2.57 6.86 25.89
CA GLY F 78 -3.30 6.55 27.09
C GLY F 78 -3.33 5.05 27.31
N GLY F 79 -3.52 4.30 26.23
CA GLY F 79 -3.55 2.86 26.34
C GLY F 79 -2.28 2.31 26.96
N PHE F 80 -1.13 2.76 26.46
CA PHE F 80 0.15 2.28 26.98
C PHE F 80 0.25 2.57 28.47
N LEU F 81 -0.20 3.77 28.86
CA LEU F 81 -0.17 4.18 30.25
C LEU F 81 -1.07 3.23 31.05
N ALA F 82 -2.22 2.89 30.48
CA ALA F 82 -3.15 1.98 31.13
C ALA F 82 -2.55 0.58 31.29
N PHE F 83 -2.03 0.00 30.20
CA PHE F 83 -1.45 -1.34 30.26
C PHE F 83 -0.38 -1.43 31.32
N THR F 84 0.57 -0.50 31.29
CA THR F 84 1.67 -0.52 32.24
C THR F 84 1.23 -0.24 33.66
N SER F 85 0.30 0.69 33.84
CA SER F 85 -0.18 1.00 35.18
C SER F 85 -0.84 -0.23 35.80
N LEU F 86 -1.48 -1.04 34.95
CA LEU F 86 -2.17 -2.25 35.40
C LEU F 86 -1.27 -3.44 35.65
N TRP F 87 -0.43 -3.76 34.67
CA TRP F 87 0.42 -4.92 34.80
C TRP F 87 1.92 -4.69 34.66
N GLY F 88 2.33 -3.43 34.63
CA GLY F 88 3.75 -3.14 34.44
C GLY F 88 4.10 -3.52 33.01
N PHE F 89 5.38 -3.55 32.67
CA PHE F 89 5.80 -3.93 31.32
C PHE F 89 5.80 -5.45 31.24
N ASP F 90 4.64 -6.00 30.83
CA ASP F 90 4.47 -7.44 30.74
C ASP F 90 3.95 -7.82 29.36
N PRO F 91 4.87 -8.09 28.41
CA PRO F 91 4.48 -8.46 27.05
C PRO F 91 3.57 -9.67 26.95
N GLU F 92 3.72 -10.61 27.88
CA GLU F 92 2.91 -11.82 27.83
C GLU F 92 1.43 -11.54 28.07
N ILE F 93 1.09 -10.75 29.10
CA ILE F 93 -0.32 -10.42 29.35
C ILE F 93 -0.83 -9.55 28.20
N ALA F 94 -0.05 -8.54 27.85
CA ALA F 94 -0.41 -7.63 26.78
C ALA F 94 -0.91 -8.36 25.53
N LYS F 95 -0.13 -9.32 25.05
CA LYS F 95 -0.46 -10.05 23.82
C LYS F 95 -1.85 -10.65 23.74
N THR F 96 -2.55 -10.75 24.86
CA THR F 96 -3.88 -11.33 24.81
C THR F 96 -4.96 -10.27 24.61
N LYS F 97 -4.59 -9.01 24.89
CA LYS F 97 -5.54 -7.91 24.79
C LYS F 97 -5.57 -7.08 23.52
N ILE F 98 -6.60 -6.23 23.47
CA ILE F 98 -6.84 -5.27 22.38
C ILE F 98 -7.43 -4.09 23.14
N VAL F 99 -7.59 -2.96 22.45
CA VAL F 99 -8.15 -1.78 23.10
C VAL F 99 -9.35 -1.24 22.33
N TYR F 100 -10.40 -0.87 23.05
CA TYR F 100 -11.60 -0.31 22.44
C TYR F 100 -11.84 1.12 22.91
N PHE F 101 -12.21 1.98 21.96
CA PHE F 101 -12.55 3.35 22.26
C PHE F 101 -13.96 3.31 22.85
N MET F 102 -14.20 4.03 23.95
CA MET F 102 -15.52 4.07 24.56
C MET F 102 -16.19 5.42 24.29
N THR F 103 -15.49 6.50 24.64
CA THR F 103 -15.99 7.86 24.42
C THR F 103 -14.88 8.83 24.05
N ILE F 104 -15.28 9.95 23.48
CA ILE F 104 -14.36 11.01 23.09
C ILE F 104 -15.13 12.29 23.35
N ASP F 105 -14.48 13.26 23.98
CA ASP F 105 -15.15 14.52 24.25
C ASP F 105 -14.18 15.69 24.40
N LYS F 106 -14.72 16.88 24.25
CA LYS F 106 -13.96 18.11 24.41
C LYS F 106 -12.67 18.17 23.61
N VAL F 107 -12.73 17.77 22.34
CA VAL F 107 -11.53 17.85 21.52
C VAL F 107 -11.62 19.12 20.67
N LYS F 108 -10.50 19.81 20.58
CA LYS F 108 -10.41 21.03 19.80
C LYS F 108 -9.06 21.02 19.12
N PHE F 109 -9.06 21.31 17.83
CA PHE F 109 -7.82 21.36 17.07
C PHE F 109 -7.54 22.84 16.83
N ARG F 110 -6.34 23.29 17.17
CA ARG F 110 -5.96 24.68 17.02
C ARG F 110 -4.99 24.91 15.87
N ILE F 111 -4.07 23.98 15.66
CA ILE F 111 -3.09 24.14 14.61
C ILE F 111 -2.91 22.87 13.80
N PRO F 112 -2.92 22.97 12.46
CA PRO F 112 -2.74 21.78 11.63
C PRO F 112 -1.36 21.17 11.81
N VAL F 113 -1.30 19.84 11.84
CA VAL F 113 -0.06 19.11 11.98
C VAL F 113 0.31 18.69 10.59
N THR F 114 1.58 18.84 10.22
CA THR F 114 2.01 18.50 8.87
C THR F 114 3.34 17.75 8.83
N PRO F 115 3.73 17.25 7.65
CA PRO F 115 5.00 16.52 7.53
C PRO F 115 6.16 17.37 8.06
N GLY F 116 7.00 16.77 8.90
CA GLY F 116 8.12 17.49 9.47
C GLY F 116 7.86 17.82 10.94
N ASP F 117 6.62 17.63 11.38
CA ASP F 117 6.27 17.90 12.76
C ASP F 117 6.54 16.72 13.66
N ARG F 118 6.91 17.03 14.90
CA ARG F 118 7.13 16.04 15.94
C ARG F 118 5.86 16.21 16.76
N LEU F 119 4.94 15.26 16.64
CA LEU F 119 3.67 15.32 17.35
C LEU F 119 3.77 14.65 18.72
N GLU F 120 3.84 15.49 19.76
CA GLU F 120 3.99 15.02 21.12
C GLU F 120 2.67 14.90 21.89
N TYR F 121 2.43 13.72 22.46
CA TYR F 121 1.21 13.46 23.23
C TYR F 121 1.41 13.66 24.72
N HIS F 122 0.51 14.42 25.33
CA HIS F 122 0.56 14.70 26.77
C HIS F 122 -0.76 14.25 27.37
N LEU F 123 -0.76 13.08 28.00
CA LEU F 123 -1.98 12.59 28.63
C LEU F 123 -1.86 12.30 30.11
N GLU F 124 -2.90 12.65 30.85
CA GLU F 124 -2.91 12.39 32.28
C GLU F 124 -4.16 11.57 32.59
N VAL F 125 -4.12 10.85 33.70
CA VAL F 125 -5.25 10.03 34.12
C VAL F 125 -6.30 10.90 34.81
N LEU F 126 -7.53 10.84 34.34
CA LEU F 126 -8.60 11.61 34.95
C LEU F 126 -9.34 10.68 35.90
N LYS F 127 -9.52 9.44 35.47
CA LYS F 127 -10.24 8.45 36.27
C LYS F 127 -10.05 7.08 35.65
N HIS F 128 -10.07 6.04 36.48
CA HIS F 128 -9.91 4.69 35.98
C HIS F 128 -10.48 3.66 36.95
N LYS F 129 -10.80 2.49 36.41
CA LYS F 129 -11.35 1.42 37.21
C LYS F 129 -11.39 0.16 36.36
N GLY F 130 -10.69 -0.87 36.79
CA GLY F 130 -10.66 -2.10 36.02
C GLY F 130 -10.00 -1.87 34.68
N MET F 131 -10.65 -2.30 33.61
CA MET F 131 -10.11 -2.14 32.26
C MET F 131 -10.49 -0.79 31.64
N ILE F 132 -11.37 -0.04 32.32
CA ILE F 132 -11.84 1.24 31.82
C ILE F 132 -11.04 2.44 32.31
N TRP F 133 -10.39 3.11 31.38
CA TRP F 133 -9.55 4.27 31.68
C TRP F 133 -9.98 5.58 31.01
N GLN F 134 -10.06 6.65 31.80
CA GLN F 134 -10.42 7.95 31.25
C GLN F 134 -9.23 8.90 31.34
N VAL F 135 -8.74 9.33 30.19
CA VAL F 135 -7.60 10.23 30.15
C VAL F 135 -7.92 11.50 29.39
N GLY F 136 -7.08 12.51 29.58
CA GLY F 136 -7.26 13.77 28.92
C GLY F 136 -5.95 14.52 28.86
N GLY F 137 -5.81 15.37 27.86
CA GLY F 137 -4.59 16.14 27.73
C GLY F 137 -4.53 16.87 26.41
N THR F 138 -3.31 17.01 25.88
CA THR F 138 -3.10 17.72 24.65
C THR F 138 -2.10 17.02 23.74
N ALA F 139 -1.98 17.56 22.53
CA ALA F 139 -1.02 17.08 21.53
C ALA F 139 -0.29 18.38 21.22
N GLN F 140 1.04 18.32 21.20
CA GLN F 140 1.81 19.53 20.96
C GLN F 140 2.91 19.34 19.93
N VAL F 141 3.29 20.45 19.32
CA VAL F 141 4.35 20.51 18.32
C VAL F 141 5.19 21.71 18.69
N ASP F 142 6.48 21.47 18.92
CA ASP F 142 7.39 22.52 19.31
C ASP F 142 6.90 23.32 20.51
N GLY F 143 6.37 22.63 21.52
CA GLY F 143 5.89 23.30 22.71
C GLY F 143 4.58 24.05 22.63
N LYS F 144 3.91 23.97 21.47
CA LYS F 144 2.63 24.66 21.28
C LYS F 144 1.49 23.64 21.16
N VAL F 145 0.36 23.93 21.81
CA VAL F 145 -0.79 23.03 21.79
C VAL F 145 -1.49 23.02 20.43
N VAL F 146 -1.47 21.87 19.76
CA VAL F 146 -2.13 21.77 18.46
C VAL F 146 -3.50 21.12 18.61
N ALA F 147 -3.75 20.51 19.77
CA ALA F 147 -5.04 19.87 20.00
C ALA F 147 -5.25 19.52 21.46
N GLU F 148 -6.52 19.41 21.84
CA GLU F 148 -6.93 19.05 23.19
C GLU F 148 -7.91 17.90 23.08
N ALA F 149 -7.96 17.05 24.10
CA ALA F 149 -8.90 15.93 24.06
C ALA F 149 -9.03 15.18 25.36
N GLU F 150 -10.17 14.53 25.49
CA GLU F 150 -10.48 13.69 26.63
C GLU F 150 -11.06 12.43 25.99
N LEU F 151 -10.79 11.28 26.58
CA LEU F 151 -11.29 10.06 26.01
C LEU F 151 -11.30 8.95 27.03
N LYS F 152 -12.19 7.99 26.83
CA LYS F 152 -12.30 6.85 27.71
C LYS F 152 -12.13 5.59 26.86
N ALA F 153 -11.29 4.68 27.32
CA ALA F 153 -11.04 3.46 26.57
C ALA F 153 -11.17 2.22 27.43
N MET F 154 -11.33 1.08 26.79
CA MET F 154 -11.45 -0.19 27.49
C MET F 154 -10.50 -1.24 26.94
N ILE F 155 -9.77 -1.88 27.85
CA ILE F 155 -8.84 -2.95 27.49
C ILE F 155 -9.65 -4.24 27.60
N ALA F 156 -9.51 -5.12 26.60
CA ALA F 156 -10.25 -6.38 26.60
C ALA F 156 -9.45 -7.58 26.10
N GLU F 157 -9.97 -8.78 26.37
CA GLU F 157 -9.37 -10.04 25.98
C GLU F 157 -9.64 -10.32 24.51
N ARG F 158 -8.57 -10.42 23.71
CA ARG F 158 -8.70 -10.68 22.27
C ARG F 158 -9.82 -11.69 21.95
CL CL G . 17.38 6.81 -9.17
C1 BEN H . 32.36 -3.18 -14.84
C2 BEN H . 32.65 -2.06 -14.05
C3 BEN H . 33.06 -2.23 -12.73
C4 BEN H . 33.15 -3.51 -12.19
C5 BEN H . 32.85 -4.62 -12.97
C6 BEN H . 32.46 -4.44 -14.30
C BEN H . 31.91 -3.00 -16.14
N1 BEN H . 31.39 -1.85 -16.53
N2 BEN H . 32.02 -4.01 -17.01
C1 BEN I . 31.99 -7.99 13.78
C2 BEN I . 31.70 -9.29 13.34
C3 BEN I . 30.39 -9.76 13.39
C4 BEN I . 29.38 -8.95 13.89
C5 BEN I . 29.67 -7.66 14.32
C6 BEN I . 30.97 -7.18 14.27
C BEN I . 33.29 -7.52 13.73
N1 BEN I . 34.30 -8.37 13.57
N2 BEN I . 33.52 -6.21 13.82
CAA 4BB J . 21.96 7.22 -16.68
CAY 4BB J . 21.29 7.18 -15.32
CAB 4BB J . 22.16 7.90 -14.30
CAC 4BB J . 21.00 5.75 -14.92
CAW 4BB J . 19.96 7.91 -15.40
CAM 4BB J . 19.05 7.77 -14.37
CAK 4BB J . 17.83 8.42 -14.43
CAL 4BB J . 19.67 8.70 -16.50
CAJ 4BB J . 18.44 9.35 -16.55
CAS 4BB J . 17.53 9.21 -15.52
CAQ 4BB J . 16.19 9.94 -15.63
OAD 4BB J . 15.68 10.05 -16.74
NAP 4BB J . 15.67 10.42 -14.49
NAO 4BB J . 14.60 11.03 -14.51
CAI 4BB J . 14.01 11.21 -15.69
CAT 4BB J . 12.78 11.84 -15.87
CAN 4BB J . 11.98 12.19 -14.80
CAR 4BB J . 10.75 12.77 -15.01
BRAG 4BB J . 9.67 13.25 -13.54
CAU 4BB J . 10.32 13.03 -16.30
OAE 4BB J . 9.12 13.61 -16.52
CAX 4BB J . 11.12 12.68 -17.39
BRAH 4BB J . 10.57 13.00 -19.16
CAV 4BB J . 12.35 12.08 -17.17
OAF 4BB J . 13.13 11.74 -18.22
CL CL K . 20.17 -0.94 6.08
C1 BEN L . 15.97 33.23 -8.00
C2 BEN L . 16.35 33.83 -6.80
C3 BEN L . 17.63 33.61 -6.29
C4 BEN L . 18.52 32.80 -6.98
C5 BEN L . 18.14 32.20 -8.17
C6 BEN L . 16.86 32.40 -8.68
C BEN L . 14.69 33.43 -8.50
N1 BEN L . 14.14 32.55 -9.34
N2 BEN L . 14.01 34.54 -8.18
C1 BEN M . 15.17 17.34 -9.45
C2 BEN M . 14.57 17.47 -10.69
C3 BEN M . 14.13 18.71 -11.12
C4 BEN M . 14.29 19.83 -10.32
C5 BEN M . 14.90 19.71 -9.07
C6 BEN M . 15.33 18.46 -8.63
C BEN M . 15.61 16.10 -9.00
N1 BEN M . 15.48 15.03 -9.78
N2 BEN M . 16.18 15.99 -7.79
CL CL N . -13.70 -5.61 -15.57
C1 BEN O . -19.31 -31.25 8.36
C2 BEN O . -18.77 -31.97 7.30
C3 BEN O . -17.76 -32.89 7.53
C4 BEN O . -17.28 -33.09 8.82
C5 BEN O . -17.82 -32.37 9.88
C6 BEN O . -18.83 -31.45 9.65
C BEN O . -20.29 -30.28 8.13
N1 BEN O . -20.73 -30.06 6.89
N2 BEN O . -20.79 -29.60 9.15
CAA 4BB P . 0.37 -20.64 1.89
CAY 4BB P . -0.56 -21.84 1.88
CAB 4BB P . -1.69 -21.67 2.91
CAC 4BB P . 0.23 -23.11 2.16
CAW 4BB P . -1.19 -22.01 0.50
CAM 4BB P . -0.40 -22.47 -0.54
CAK 4BB P . -0.97 -22.64 -1.79
CAL 4BB P . -2.54 -21.76 0.29
CAJ 4BB P . -3.10 -21.93 -0.96
CAS 4BB P . -2.31 -22.39 -2.01
CAQ 4BB P . -2.84 -22.59 -3.44
OAD 4BB P . -2.04 -22.63 -4.36
NAP 4BB P . -4.17 -22.62 -3.66
NAO 4BB P . -5.15 -22.61 -2.92
CAI 4BB P . -5.28 -22.50 -1.61
CAT 4BB P . -6.64 -22.53 -1.24
CAN 4BB P . -7.06 -23.22 -0.11
CAR 4BB P . -8.43 -23.25 0.23
BRAG 4BB P . -9.06 -24.15 1.75
CAU 4BB P . -9.34 -22.60 -0.57
OAE 4BB P . -10.65 -22.61 -0.25
CAX 4BB P . -8.94 -21.92 -1.71
BRAH 4BB P . -10.25 -21.05 -2.76
CAV 4BB P . -7.58 -21.89 -2.04
OAF 4BB P . -7.19 -21.22 -3.15
CL CL Q . -4.82 -18.69 -8.37
CL CL R . -11.59 1.63 18.03
C1 BEN S . -28.41 8.84 20.06
C2 BEN S . -28.52 9.70 18.97
C3 BEN S . -28.01 10.99 19.04
C4 BEN S . -27.36 11.42 20.20
C5 BEN S . -27.25 10.56 21.29
C6 BEN S . -27.77 9.28 21.22
C BEN S . -28.88 7.53 19.98
N1 BEN S . -29.88 7.25 19.15
N2 BEN S . -28.29 6.56 20.66
CL CL T . -8.50 17.06 10.16
#